data_2Q9V
# 
_entry.id   2Q9V 
# 
_audit_conform.dict_name       mmcif_pdbx.dic 
_audit_conform.dict_version    5.377 
_audit_conform.dict_location   http://mmcif.pdb.org/dictionaries/ascii/mmcif_pdbx.dic 
# 
loop_
_database_2.database_id 
_database_2.database_code 
_database_2.pdbx_database_accession 
_database_2.pdbx_DOI 
PDB   2Q9V         pdb_00002q9v 10.2210/pdb2q9v/pdb 
RCSB  RCSB043331   ?            ?                   
WWPDB D_1000043331 ?            ?                   
# 
_pdbx_database_status.status_code                     REL 
_pdbx_database_status.entry_id                        2Q9V 
_pdbx_database_status.recvd_initial_deposition_date   2007-06-14 
_pdbx_database_status.deposit_site                    RCSB 
_pdbx_database_status.process_site                    RCSB 
_pdbx_database_status.status_code_sf                  REL 
_pdbx_database_status.status_code_mr                  ? 
_pdbx_database_status.SG_entry                        Y 
_pdbx_database_status.pdb_format_compatible           Y 
_pdbx_database_status.status_code_cs                  ? 
_pdbx_database_status.status_code_nmr_data            ? 
_pdbx_database_status.methods_development_category    ? 
# 
loop_
_audit_author.name 
_audit_author.pdbx_ordinal 
'Pilka, E.S.'                          1  
'Hozjan, V.'                           2  
'Kavanagh, K.L.'                       3  
'Papagrigoriou, E.'                    4  
'Cooper, C.'                           5  
'Elkins, J.M.'                         6  
'Doyle, D.A.'                          7  
'von Delft, F.'                        8  
'Sundstrom, M.'                        9  
'Arrowsmith, C.A.'                     10 
'Weigelt, J.'                          11 
'Edwards, A.'                          12 
'Oppermann, U.'                        13 
'Structural Genomics Consortium (SGC)' 14 
# 
_citation.id                        primary 
_citation.title                     
'Crystal structure of the C890S mutant of the 4th PDZ domain of human membrane associated guanylate kinase.' 
_citation.journal_abbrev            'To be Published' 
_citation.journal_volume            ? 
_citation.page_first                ? 
_citation.page_last                 ? 
_citation.year                      ? 
_citation.journal_id_ASTM           ? 
_citation.country                   ? 
_citation.journal_id_ISSN           ? 
_citation.journal_id_CSD            0353 
_citation.book_publisher            ? 
_citation.pdbx_database_id_PubMed   ? 
_citation.pdbx_database_id_DOI      ? 
# 
loop_
_citation_author.citation_id 
_citation_author.name 
_citation_author.ordinal 
_citation_author.identifier_ORCID 
primary 'Pilka, E.S.'       1  ? 
primary 'Hozjan, V.'        2  ? 
primary 'Kavanagh, K.L.'    3  ? 
primary 'Papagrigoriou, E.' 4  ? 
primary 'Cooper, C.'        5  ? 
primary 'Elkins, J.M.'      6  ? 
primary 'Doyle, D.A.'       7  ? 
primary 'von Delft, F.'     8  ? 
primary 'Sundstrom, M.'     9  ? 
primary 'Arrowsmith, C.A.'  10 ? 
primary 'Weigelt, J.'       11 ? 
primary 'Edwards, A.'       12 ? 
primary 'Oppermann, U.'     13 ? 
# 
_cell.entry_id           2Q9V 
_cell.length_a           32.821 
_cell.length_b           44.085 
_cell.length_c           54.512 
_cell.angle_alpha        90.00 
_cell.angle_beta         90.00 
_cell.angle_gamma        90.00 
_cell.Z_PDB              4 
_cell.pdbx_unique_axis   ? 
_cell.length_a_esd       ? 
_cell.length_b_esd       ? 
_cell.length_c_esd       ? 
_cell.angle_alpha_esd    ? 
_cell.angle_beta_esd     ? 
_cell.angle_gamma_esd    ? 
# 
_symmetry.entry_id                         2Q9V 
_symmetry.space_group_name_H-M             'P 21 21 21' 
_symmetry.pdbx_full_space_group_name_H-M   ? 
_symmetry.cell_setting                     ? 
_symmetry.Int_Tables_number                19 
_symmetry.space_group_name_Hall            ? 
# 
loop_
_entity.id 
_entity.type 
_entity.src_method 
_entity.pdbx_description 
_entity.formula_weight 
_entity.pdbx_number_of_molecules 
_entity.pdbx_ec 
_entity.pdbx_mutation 
_entity.pdbx_fragment 
_entity.details 
1 polymer man 'Membrane-associated guanylate kinase, WW and PDZ domain-containing protein 1' 9878.229 1   ? C890S '4th PDZ Domain' 
? 
2 water   nat water                                                                          18.015   104 ? ?     ?                
? 
# 
_entity_name_com.entity_id   1 
_entity_name_com.name        
;BAI1-associated protein 1, BAP-1, Membrane-associated guanylate kinase inverted 1, MAGI-1, Atrophin-1-interacting protein 3, AIP3, WW domain-containing protein 3, WWP3, Trinucleotide repeat-containing gene 19 protein
;
# 
_entity_poly.entity_id                      1 
_entity_poly.type                           'polypeptide(L)' 
_entity_poly.nstd_linkage                   no 
_entity_poly.nstd_monomer                   no 
_entity_poly.pdbx_seq_one_letter_code       
;SMEQDIFLWRKETGFGFRILGGNEPGEPIYIGHIVPLGAADTDGRLRSGDELISVDGTPVIGKSHQLVVQLMQQAAKQGH
VNLTVRQTRL
;
_entity_poly.pdbx_seq_one_letter_code_can   
;SMEQDIFLWRKETGFGFRILGGNEPGEPIYIGHIVPLGAADTDGRLRSGDELISVDGTPVIGKSHQLVVQLMQQAAKQGH
VNLTVRQTRL
;
_entity_poly.pdbx_strand_id                 A 
_entity_poly.pdbx_target_identifier         ? 
# 
loop_
_entity_poly_seq.entity_id 
_entity_poly_seq.num 
_entity_poly_seq.mon_id 
_entity_poly_seq.hetero 
1 1  SER n 
1 2  MET n 
1 3  GLU n 
1 4  GLN n 
1 5  ASP n 
1 6  ILE n 
1 7  PHE n 
1 8  LEU n 
1 9  TRP n 
1 10 ARG n 
1 11 LYS n 
1 12 GLU n 
1 13 THR n 
1 14 GLY n 
1 15 PHE n 
1 16 GLY n 
1 17 PHE n 
1 18 ARG n 
1 19 ILE n 
1 20 LEU n 
1 21 GLY n 
1 22 GLY n 
1 23 ASN n 
1 24 GLU n 
1 25 PRO n 
1 26 GLY n 
1 27 GLU n 
1 28 PRO n 
1 29 ILE n 
1 30 TYR n 
1 31 ILE n 
1 32 GLY n 
1 33 HIS n 
1 34 ILE n 
1 35 VAL n 
1 36 PRO n 
1 37 LEU n 
1 38 GLY n 
1 39 ALA n 
1 40 ALA n 
1 41 ASP n 
1 42 THR n 
1 43 ASP n 
1 44 GLY n 
1 45 ARG n 
1 46 LEU n 
1 47 ARG n 
1 48 SER n 
1 49 GLY n 
1 50 ASP n 
1 51 GLU n 
1 52 LEU n 
1 53 ILE n 
1 54 SER n 
1 55 VAL n 
1 56 ASP n 
1 57 GLY n 
1 58 THR n 
1 59 PRO n 
1 60 VAL n 
1 61 ILE n 
1 62 GLY n 
1 63 LYS n 
1 64 SER n 
1 65 HIS n 
1 66 GLN n 
1 67 LEU n 
1 68 VAL n 
1 69 VAL n 
1 70 GLN n 
1 71 LEU n 
1 72 MET n 
1 73 GLN n 
1 74 GLN n 
1 75 ALA n 
1 76 ALA n 
1 77 LYS n 
1 78 GLN n 
1 79 GLY n 
1 80 HIS n 
1 81 VAL n 
1 82 ASN n 
1 83 LEU n 
1 84 THR n 
1 85 VAL n 
1 86 ARG n 
1 87 GLN n 
1 88 THR n 
1 89 ARG n 
1 90 LEU n 
# 
_entity_src_gen.entity_id                          1 
_entity_src_gen.pdbx_src_id                        1 
_entity_src_gen.pdbx_alt_source_flag               sample 
_entity_src_gen.pdbx_seq_type                      ? 
_entity_src_gen.pdbx_beg_seq_num                   ? 
_entity_src_gen.pdbx_end_seq_num                   ? 
_entity_src_gen.gene_src_common_name               human 
_entity_src_gen.gene_src_genus                     Homo 
_entity_src_gen.pdbx_gene_src_gene                 'MAGI1, BAIAP1, BAP1, TNRC19' 
_entity_src_gen.gene_src_species                   ? 
_entity_src_gen.gene_src_strain                    ? 
_entity_src_gen.gene_src_tissue                    Brain 
_entity_src_gen.gene_src_tissue_fraction           ? 
_entity_src_gen.gene_src_details                   ? 
_entity_src_gen.pdbx_gene_src_fragment             ? 
_entity_src_gen.pdbx_gene_src_scientific_name      'Homo sapiens' 
_entity_src_gen.pdbx_gene_src_ncbi_taxonomy_id     9606 
_entity_src_gen.pdbx_gene_src_variant              ? 
_entity_src_gen.pdbx_gene_src_cell_line            ? 
_entity_src_gen.pdbx_gene_src_atcc                 ? 
_entity_src_gen.pdbx_gene_src_organ                ? 
_entity_src_gen.pdbx_gene_src_organelle            ? 
_entity_src_gen.pdbx_gene_src_cell                 ? 
_entity_src_gen.pdbx_gene_src_cellular_location    ? 
_entity_src_gen.host_org_common_name               ? 
_entity_src_gen.pdbx_host_org_scientific_name      'Escherichia coli' 
_entity_src_gen.pdbx_host_org_ncbi_taxonomy_id     562 
_entity_src_gen.host_org_genus                     Escherichia 
_entity_src_gen.pdbx_host_org_gene                 ? 
_entity_src_gen.pdbx_host_org_organ                ? 
_entity_src_gen.host_org_species                   ? 
_entity_src_gen.pdbx_host_org_tissue               ? 
_entity_src_gen.pdbx_host_org_tissue_fraction      ? 
_entity_src_gen.pdbx_host_org_strain               Rosetta 
_entity_src_gen.pdbx_host_org_variant              ? 
_entity_src_gen.pdbx_host_org_cell_line            ? 
_entity_src_gen.pdbx_host_org_atcc                 ? 
_entity_src_gen.pdbx_host_org_culture_collection   ? 
_entity_src_gen.pdbx_host_org_cell                 ? 
_entity_src_gen.pdbx_host_org_organelle            ? 
_entity_src_gen.pdbx_host_org_cellular_location    ? 
_entity_src_gen.pdbx_host_org_vector_type          Plasmid 
_entity_src_gen.pdbx_host_org_vector               ? 
_entity_src_gen.host_org_details                   ? 
_entity_src_gen.expression_system_id               ? 
_entity_src_gen.plasmid_name                       pNIC28-Bsa4 
_entity_src_gen.plasmid_details                    ? 
_entity_src_gen.pdbx_description                   ? 
# 
_struct_ref.id                         1 
_struct_ref.db_name                    UNP 
_struct_ref.db_code                    MAGI1_HUMAN 
_struct_ref.pdbx_db_accession          Q96QZ7 
_struct_ref.entity_id                  1 
_struct_ref.pdbx_seq_one_letter_code   
;EQDIFLWRKETGFGFRILGGNEPGEPIYIGHIVPLGAADTDGRLRSGDELICVDGTPVIGKSHQLVVQLMQQAAKQGHVN
LTVR
;
_struct_ref.pdbx_align_begin           839 
_struct_ref.pdbx_db_isoform            ? 
# 
_struct_ref_seq.align_id                      1 
_struct_ref_seq.ref_id                        1 
_struct_ref_seq.pdbx_PDB_id_code              2Q9V 
_struct_ref_seq.pdbx_strand_id                A 
_struct_ref_seq.seq_align_beg                 3 
_struct_ref_seq.pdbx_seq_align_beg_ins_code   ? 
_struct_ref_seq.seq_align_end                 86 
_struct_ref_seq.pdbx_seq_align_end_ins_code   ? 
_struct_ref_seq.pdbx_db_accession             Q96QZ7 
_struct_ref_seq.db_align_beg                  839 
_struct_ref_seq.pdbx_db_align_beg_ins_code    ? 
_struct_ref_seq.db_align_end                  922 
_struct_ref_seq.pdbx_db_align_end_ins_code    ? 
_struct_ref_seq.pdbx_auth_seq_align_beg       839 
_struct_ref_seq.pdbx_auth_seq_align_end       922 
# 
loop_
_struct_ref_seq_dif.align_id 
_struct_ref_seq_dif.pdbx_pdb_id_code 
_struct_ref_seq_dif.mon_id 
_struct_ref_seq_dif.pdbx_pdb_strand_id 
_struct_ref_seq_dif.seq_num 
_struct_ref_seq_dif.pdbx_pdb_ins_code 
_struct_ref_seq_dif.pdbx_seq_db_name 
_struct_ref_seq_dif.pdbx_seq_db_accession_code 
_struct_ref_seq_dif.db_mon_id 
_struct_ref_seq_dif.pdbx_seq_db_seq_num 
_struct_ref_seq_dif.details 
_struct_ref_seq_dif.pdbx_auth_seq_num 
_struct_ref_seq_dif.pdbx_ordinal 
1 2Q9V SER A 1  ? UNP Q96QZ7 ?   ?   'cloning artifact'    837 1 
1 2Q9V MET A 2  ? UNP Q96QZ7 ?   ?   'cloning artifact'    838 2 
1 2Q9V SER A 54 ? UNP Q96QZ7 CYS 890 'engineered mutation' 890 3 
1 2Q9V GLN A 87 ? UNP Q96QZ7 ?   ?   'cloning artifact'    923 4 
1 2Q9V THR A 88 ? UNP Q96QZ7 ?   ?   'cloning artifact'    924 5 
1 2Q9V ARG A 89 ? UNP Q96QZ7 ?   ?   'cloning artifact'    925 6 
1 2Q9V LEU A 90 ? UNP Q96QZ7 ?   ?   'cloning artifact'    926 7 
# 
loop_
_chem_comp.id 
_chem_comp.type 
_chem_comp.mon_nstd_flag 
_chem_comp.name 
_chem_comp.pdbx_synonyms 
_chem_comp.formula 
_chem_comp.formula_weight 
ALA 'L-peptide linking' y ALANINE         ? 'C3 H7 N O2'     89.093  
ARG 'L-peptide linking' y ARGININE        ? 'C6 H15 N4 O2 1' 175.209 
ASN 'L-peptide linking' y ASPARAGINE      ? 'C4 H8 N2 O3'    132.118 
ASP 'L-peptide linking' y 'ASPARTIC ACID' ? 'C4 H7 N O4'     133.103 
CYS 'L-peptide linking' y CYSTEINE        ? 'C3 H7 N O2 S'   121.158 
GLN 'L-peptide linking' y GLUTAMINE       ? 'C5 H10 N2 O3'   146.144 
GLU 'L-peptide linking' y 'GLUTAMIC ACID' ? 'C5 H9 N O4'     147.129 
GLY 'peptide linking'   y GLYCINE         ? 'C2 H5 N O2'     75.067  
HIS 'L-peptide linking' y HISTIDINE       ? 'C6 H10 N3 O2 1' 156.162 
HOH non-polymer         . WATER           ? 'H2 O'           18.015  
ILE 'L-peptide linking' y ISOLEUCINE      ? 'C6 H13 N O2'    131.173 
LEU 'L-peptide linking' y LEUCINE         ? 'C6 H13 N O2'    131.173 
LYS 'L-peptide linking' y LYSINE          ? 'C6 H15 N2 O2 1' 147.195 
MET 'L-peptide linking' y METHIONINE      ? 'C5 H11 N O2 S'  149.211 
PHE 'L-peptide linking' y PHENYLALANINE   ? 'C9 H11 N O2'    165.189 
PRO 'L-peptide linking' y PROLINE         ? 'C5 H9 N O2'     115.130 
SER 'L-peptide linking' y SERINE          ? 'C3 H7 N O3'     105.093 
THR 'L-peptide linking' y THREONINE       ? 'C4 H9 N O3'     119.119 
TRP 'L-peptide linking' y TRYPTOPHAN      ? 'C11 H12 N2 O2'  204.225 
TYR 'L-peptide linking' y TYROSINE        ? 'C9 H11 N O3'    181.189 
VAL 'L-peptide linking' y VALINE          ? 'C5 H11 N O2'    117.146 
# 
_exptl.entry_id          2Q9V 
_exptl.method            'X-RAY DIFFRACTION' 
_exptl.crystals_number   1 
# 
_exptl_crystal.id                    1 
_exptl_crystal.density_meas          ? 
_exptl_crystal.density_Matthews      2.00 
_exptl_crystal.density_percent_sol   38.36 
_exptl_crystal.description           ? 
_exptl_crystal.F_000                 ? 
_exptl_crystal.preparation           ? 
# 
_exptl_crystal_grow.crystal_id      1 
_exptl_crystal_grow.method          'VAPOR DIFFUSION, SITTING DROP' 
_exptl_crystal_grow.temp            277 
_exptl_crystal_grow.temp_details    ? 
_exptl_crystal_grow.pH              8.5 
_exptl_crystal_grow.pdbx_details    
;1:2 Protein:Well solution ratio, 20% PEG 3350, 10% Ethylene glycol, 200 mM Sodium acetate, 100 mM BTP pH 8.5, VAPOR DIFFUSION, SITTING DROP, temperature 277K
;
_exptl_crystal_grow.pdbx_pH_range   . 
# 
_diffrn.id                     1 
_diffrn.ambient_temp           100 
_diffrn.ambient_temp_details   ? 
_diffrn.crystal_id             1 
# 
_diffrn_detector.diffrn_id              1 
_diffrn_detector.detector               'IMAGE PLATE' 
_diffrn_detector.type                   'RIGAKU RAXIS HTC' 
_diffrn_detector.pdbx_collection_date   2007-06-05 
_diffrn_detector.details                OSMIC 
# 
_diffrn_radiation.diffrn_id                        1 
_diffrn_radiation.wavelength_id                    1 
_diffrn_radiation.pdbx_monochromatic_or_laue_m_l   M 
_diffrn_radiation.monochromator                    OSMIC 
_diffrn_radiation.pdbx_diffrn_protocol             'SINGLE WAVELENGTH' 
_diffrn_radiation.pdbx_scattering_type             x-ray 
# 
_diffrn_radiation_wavelength.id           1 
_diffrn_radiation_wavelength.wavelength   1.5418 
_diffrn_radiation_wavelength.wt           1.0 
# 
_diffrn_source.diffrn_id                   1 
_diffrn_source.source                      'ROTATING ANODE' 
_diffrn_source.type                        'RIGAKU FR-E+ SUPERBRIGHT' 
_diffrn_source.pdbx_synchrotron_site       ? 
_diffrn_source.pdbx_synchrotron_beamline   ? 
_diffrn_source.pdbx_wavelength             ? 
_diffrn_source.pdbx_wavelength_list        1.5418 
# 
_reflns.entry_id                     2Q9V 
_reflns.observed_criterion_sigma_F   ? 
_reflns.observed_criterion_sigma_I   2 
_reflns.d_resolution_high            2.0 
_reflns.d_resolution_low             23.0 
_reflns.number_all                   5689 
_reflns.number_obs                   5434 
_reflns.percent_possible_obs         96.90 
_reflns.pdbx_Rmerge_I_obs            0.069 
_reflns.pdbx_Rsym_value              0.075 
_reflns.pdbx_netI_over_sigmaI        27.8 
_reflns.B_iso_Wilson_estimate        ? 
_reflns.pdbx_redundancy              7 
_reflns.R_free_details               ? 
_reflns.limit_h_max                  ? 
_reflns.limit_h_min                  ? 
_reflns.limit_k_max                  ? 
_reflns.limit_k_min                  ? 
_reflns.limit_l_max                  ? 
_reflns.limit_l_min                  ? 
_reflns.observed_criterion_F_max     ? 
_reflns.observed_criterion_F_min     ? 
_reflns.pdbx_chi_squared             ? 
_reflns.pdbx_scaling_rejects         ? 
_reflns.pdbx_ordinal                 1 
_reflns.pdbx_diffrn_id               1 
# 
_reflns_shell.d_res_high             2.00 
_reflns_shell.d_res_low              2.11 
_reflns_shell.percent_possible_all   95.1 
_reflns_shell.Rmerge_I_obs           0.29 
_reflns_shell.pdbx_Rsym_value        0.313 
_reflns_shell.meanI_over_sigI_obs    5.7 
_reflns_shell.pdbx_redundancy        7.2 
_reflns_shell.percent_possible_obs   ? 
_reflns_shell.number_unique_all      759 
_reflns_shell.number_measured_all    ? 
_reflns_shell.number_measured_obs    ? 
_reflns_shell.number_unique_obs      ? 
_reflns_shell.pdbx_chi_squared       ? 
_reflns_shell.pdbx_ordinal           1 
_reflns_shell.pdbx_diffrn_id         1 
# 
_refine.entry_id                                 2Q9V 
_refine.ls_number_reflns_obs                     5230 
_refine.ls_number_reflns_all                     5434 
_refine.pdbx_ls_sigma_I                          ? 
_refine.pdbx_ls_sigma_F                          ? 
_refine.pdbx_data_cutoff_high_absF               ? 
_refine.pdbx_data_cutoff_low_absF                ? 
_refine.pdbx_data_cutoff_high_rms_absF           ? 
_refine.ls_d_res_low                             20.97 
_refine.ls_d_res_high                            2.00 
_refine.ls_percent_reflns_obs                    96.24 
_refine.ls_R_factor_obs                          0.17021 
_refine.ls_R_factor_all                          ? 
_refine.ls_R_factor_R_work                       0.16722 
_refine.ls_R_factor_R_free                       0.23313 
_refine.ls_R_factor_R_free_error                 ? 
_refine.ls_R_factor_R_free_error_details         ? 
_refine.ls_percent_reflns_R_free                 4.6 
_refine.ls_number_reflns_R_free                  252 
_refine.ls_number_parameters                     ? 
_refine.ls_number_restraints                     ? 
_refine.occupancy_min                            ? 
_refine.occupancy_max                            ? 
_refine.correlation_coeff_Fo_to_Fc               0.959 
_refine.correlation_coeff_Fo_to_Fc_free          0.916 
_refine.B_iso_mean                               23.589 
_refine.aniso_B[1][1]                            -0.01 
_refine.aniso_B[2][2]                            -0.67 
_refine.aniso_B[3][3]                            0.68 
_refine.aniso_B[1][2]                            0.00 
_refine.aniso_B[1][3]                            0.00 
_refine.aniso_B[2][3]                            0.00 
_refine.solvent_model_details                    'BABINET MODEL WITH MASK' 
_refine.solvent_model_param_ksol                 ? 
_refine.solvent_model_param_bsol                 ? 
_refine.pdbx_solvent_vdw_probe_radii             1.20 
_refine.pdbx_solvent_ion_probe_radii             0.80 
_refine.pdbx_solvent_shrinkage_radii             0.80 
_refine.pdbx_ls_cross_valid_method               THROUGHOUT 
_refine.details                                  'HYDROGENS HAVE BEEN ADDED IN THE RIDING POSITIONS' 
_refine.pdbx_starting_model                      'PDB entries 2I04,2PNT,2OPG' 
_refine.pdbx_method_to_determine_struct          'MOLECULAR REPLACEMENT' 
_refine.pdbx_isotropic_thermal_model             ? 
_refine.pdbx_stereochemistry_target_values       'MAXIMUM LIKELIHOOD' 
_refine.pdbx_stereochem_target_val_spec_case     ? 
_refine.pdbx_R_Free_selection_details            RANDOM 
_refine.pdbx_overall_ESU_R                       0.215 
_refine.pdbx_overall_ESU_R_Free                  0.187 
_refine.overall_SU_ML                            0.120 
_refine.overall_SU_B                             7.670 
_refine.ls_redundancy_reflns_obs                 ? 
_refine.B_iso_min                                ? 
_refine.B_iso_max                                ? 
_refine.overall_SU_R_Cruickshank_DPI             ? 
_refine.overall_SU_R_free                        ? 
_refine.ls_wR_factor_R_free                      ? 
_refine.ls_wR_factor_R_work                      ? 
_refine.overall_FOM_free_R_set                   ? 
_refine.overall_FOM_work_R_set                   ? 
_refine.pdbx_refine_id                           'X-RAY DIFFRACTION' 
_refine.pdbx_TLS_residual_ADP_flag               'LIKELY RESIDUAL' 
_refine.pdbx_diffrn_id                           1 
_refine.pdbx_overall_phase_error                 ? 
_refine.pdbx_overall_SU_R_free_Cruickshank_DPI   ? 
_refine.pdbx_overall_SU_R_Blow_DPI               ? 
_refine.pdbx_overall_SU_R_free_Blow_DPI          ? 
# 
_refine_hist.pdbx_refine_id                   'X-RAY DIFFRACTION' 
_refine_hist.cycle_id                         LAST 
_refine_hist.pdbx_number_atoms_protein        688 
_refine_hist.pdbx_number_atoms_nucleic_acid   0 
_refine_hist.pdbx_number_atoms_ligand         0 
_refine_hist.number_atoms_solvent             104 
_refine_hist.number_atoms_total               792 
_refine_hist.d_res_high                       2.00 
_refine_hist.d_res_low                        20.97 
# 
loop_
_refine_ls_restr.type 
_refine_ls_restr.dev_ideal 
_refine_ls_restr.dev_ideal_target 
_refine_ls_restr.weight 
_refine_ls_restr.number 
_refine_ls_restr.pdbx_refine_id 
_refine_ls_restr.pdbx_restraint_function 
r_bond_refined_d             0.008  0.021  ? 700  'X-RAY DIFFRACTION' ? 
r_bond_other_d               0.001  0.020  ? 474  'X-RAY DIFFRACTION' ? 
r_angle_refined_deg          0.955  1.959  ? 947  'X-RAY DIFFRACTION' ? 
r_angle_other_deg            0.831  3.000  ? 1152 'X-RAY DIFFRACTION' ? 
r_dihedral_angle_1_deg       5.684  5.000  ? 89   'X-RAY DIFFRACTION' ? 
r_dihedral_angle_2_deg       35.930 23.939 ? 33   'X-RAY DIFFRACTION' ? 
r_dihedral_angle_3_deg       11.276 15.000 ? 116  'X-RAY DIFFRACTION' ? 
r_dihedral_angle_4_deg       12.890 15.000 ? 6    'X-RAY DIFFRACTION' ? 
r_chiral_restr               0.060  0.200  ? 105  'X-RAY DIFFRACTION' ? 
r_gen_planes_refined         0.003  0.020  ? 794  'X-RAY DIFFRACTION' ? 
r_gen_planes_other           0.001  0.020  ? 139  'X-RAY DIFFRACTION' ? 
r_nbd_refined                0.181  0.200  ? 108  'X-RAY DIFFRACTION' ? 
r_nbd_other                  0.170  0.200  ? 506  'X-RAY DIFFRACTION' ? 
r_nbtor_refined              0.160  0.200  ? 333  'X-RAY DIFFRACTION' ? 
r_nbtor_other                0.075  0.200  ? 363  'X-RAY DIFFRACTION' ? 
r_xyhbond_nbd_refined        0.084  0.200  ? 68   'X-RAY DIFFRACTION' ? 
r_xyhbond_nbd_other          ?      ?      ? ?    'X-RAY DIFFRACTION' ? 
r_metal_ion_refined          ?      ?      ? ?    'X-RAY DIFFRACTION' ? 
r_metal_ion_other            ?      ?      ? ?    'X-RAY DIFFRACTION' ? 
r_symmetry_vdw_refined       0.099  0.200  ? 8    'X-RAY DIFFRACTION' ? 
r_symmetry_vdw_other         0.254  0.200  ? 41   'X-RAY DIFFRACTION' ? 
r_symmetry_hbond_refined     0.060  0.200  ? 12   'X-RAY DIFFRACTION' ? 
r_symmetry_hbond_other       ?      ?      ? ?    'X-RAY DIFFRACTION' ? 
r_symmetry_metal_ion_refined ?      ?      ? ?    'X-RAY DIFFRACTION' ? 
r_symmetry_metal_ion_other   ?      ?      ? ?    'X-RAY DIFFRACTION' ? 
r_mcbond_it                  1.230  3.000  ? 458  'X-RAY DIFFRACTION' ? 
r_mcbond_other               0.266  3.000  ? 187  'X-RAY DIFFRACTION' ? 
r_mcangle_it                 1.862  5.000  ? 709  'X-RAY DIFFRACTION' ? 
r_scbond_it                  3.267  7.000  ? 272  'X-RAY DIFFRACTION' ? 
r_scangle_it                 4.950  11.000 ? 238  'X-RAY DIFFRACTION' ? 
r_rigid_bond_restr           ?      ?      ? ?    'X-RAY DIFFRACTION' ? 
r_sphericity_free            ?      ?      ? ?    'X-RAY DIFFRACTION' ? 
r_sphericity_bonded          ?      ?      ? ?    'X-RAY DIFFRACTION' ? 
# 
_refine_ls_shell.pdbx_total_number_of_bins_used   20 
_refine_ls_shell.d_res_high                       2.000 
_refine_ls_shell.d_res_low                        2.052 
_refine_ls_shell.number_reflns_R_work             368 
_refine_ls_shell.R_factor_R_work                  0.183 
_refine_ls_shell.percent_reflns_obs               94.84 
_refine_ls_shell.R_factor_R_free                  0.218 
_refine_ls_shell.R_factor_R_free_error            ? 
_refine_ls_shell.percent_reflns_R_free            ? 
_refine_ls_shell.number_reflns_R_free             18 
_refine_ls_shell.number_reflns_all                ? 
_refine_ls_shell.R_factor_all                     ? 
_refine_ls_shell.number_reflns_obs                ? 
_refine_ls_shell.redundancy_reflns_obs            ? 
_refine_ls_shell.pdbx_refine_id                   'X-RAY DIFFRACTION' 
# 
_struct.entry_id                  2Q9V 
_struct.title                     
'Crystal structure of the C890S mutant of the 4th PDZ domain of human membrane associated guanylate kinase' 
_struct.pdbx_model_details        ? 
_struct.pdbx_CASP_flag            N 
_struct.pdbx_model_type_details   ? 
# 
_struct_keywords.entry_id        2Q9V 
_struct_keywords.pdbx_keywords   TRANSFERASE 
_struct_keywords.text            
'PDZ, MEMBRANE ASSOCIATED GUANYLATE KINASE, CYS SER MUTANT, STRUCTURAL GENOMICS CONSORTIUM, SGC, TRANSFERASE' 
# 
loop_
_struct_asym.id 
_struct_asym.pdbx_blank_PDB_chainid_flag 
_struct_asym.pdbx_modified 
_struct_asym.entity_id 
_struct_asym.details 
A N N 1 ? 
B N N 2 ? 
# 
_struct_biol.id   1 
# 
loop_
_struct_conf.conf_type_id 
_struct_conf.id 
_struct_conf.pdbx_PDB_helix_id 
_struct_conf.beg_label_comp_id 
_struct_conf.beg_label_asym_id 
_struct_conf.beg_label_seq_id 
_struct_conf.pdbx_beg_PDB_ins_code 
_struct_conf.end_label_comp_id 
_struct_conf.end_label_asym_id 
_struct_conf.end_label_seq_id 
_struct_conf.pdbx_end_PDB_ins_code 
_struct_conf.beg_auth_comp_id 
_struct_conf.beg_auth_asym_id 
_struct_conf.beg_auth_seq_id 
_struct_conf.end_auth_comp_id 
_struct_conf.end_auth_asym_id 
_struct_conf.end_auth_seq_id 
_struct_conf.pdbx_PDB_helix_class 
_struct_conf.details 
_struct_conf.pdbx_PDB_helix_length 
HELX_P HELX_P1 1 GLY A 38 ? GLY A 44 ? GLY A 874 GLY A 880 1 ? 7  
HELX_P HELX_P2 2 SER A 64 ? GLY A 79 ? SER A 900 GLY A 915 1 ? 16 
# 
_struct_conf_type.id          HELX_P 
_struct_conf_type.criteria    ? 
_struct_conf_type.reference   ? 
# 
loop_
_struct_sheet.id 
_struct_sheet.type 
_struct_sheet.number_strands 
_struct_sheet.details 
A ? 4 ? 
B ? 2 ? 
# 
loop_
_struct_sheet_order.sheet_id 
_struct_sheet_order.range_id_1 
_struct_sheet_order.range_id_2 
_struct_sheet_order.offset 
_struct_sheet_order.sense 
A 1 2 ? anti-parallel 
A 2 3 ? anti-parallel 
A 3 4 ? anti-parallel 
B 1 2 ? anti-parallel 
# 
loop_
_struct_sheet_range.sheet_id 
_struct_sheet_range.id 
_struct_sheet_range.beg_label_comp_id 
_struct_sheet_range.beg_label_asym_id 
_struct_sheet_range.beg_label_seq_id 
_struct_sheet_range.pdbx_beg_PDB_ins_code 
_struct_sheet_range.end_label_comp_id 
_struct_sheet_range.end_label_asym_id 
_struct_sheet_range.end_label_seq_id 
_struct_sheet_range.pdbx_end_PDB_ins_code 
_struct_sheet_range.beg_auth_comp_id 
_struct_sheet_range.beg_auth_asym_id 
_struct_sheet_range.beg_auth_seq_id 
_struct_sheet_range.end_auth_comp_id 
_struct_sheet_range.end_auth_asym_id 
_struct_sheet_range.end_auth_seq_id 
A 1 MET A 2  ? TRP A 9  ? MET A 838 TRP A 845 
A 2 HIS A 80 ? GLN A 87 ? HIS A 916 GLN A 923 
A 3 GLU A 51 ? VAL A 55 ? GLU A 887 VAL A 891 
A 4 THR A 58 ? PRO A 59 ? THR A 894 PRO A 895 
B 1 PHE A 17 ? GLY A 21 ? PHE A 853 GLY A 857 
B 2 ILE A 29 ? ILE A 34 ? ILE A 865 ILE A 870 
# 
loop_
_pdbx_struct_sheet_hbond.sheet_id 
_pdbx_struct_sheet_hbond.range_id_1 
_pdbx_struct_sheet_hbond.range_id_2 
_pdbx_struct_sheet_hbond.range_1_label_atom_id 
_pdbx_struct_sheet_hbond.range_1_label_comp_id 
_pdbx_struct_sheet_hbond.range_1_label_asym_id 
_pdbx_struct_sheet_hbond.range_1_label_seq_id 
_pdbx_struct_sheet_hbond.range_1_PDB_ins_code 
_pdbx_struct_sheet_hbond.range_1_auth_atom_id 
_pdbx_struct_sheet_hbond.range_1_auth_comp_id 
_pdbx_struct_sheet_hbond.range_1_auth_asym_id 
_pdbx_struct_sheet_hbond.range_1_auth_seq_id 
_pdbx_struct_sheet_hbond.range_2_label_atom_id 
_pdbx_struct_sheet_hbond.range_2_label_comp_id 
_pdbx_struct_sheet_hbond.range_2_label_asym_id 
_pdbx_struct_sheet_hbond.range_2_label_seq_id 
_pdbx_struct_sheet_hbond.range_2_PDB_ins_code 
_pdbx_struct_sheet_hbond.range_2_auth_atom_id 
_pdbx_struct_sheet_hbond.range_2_auth_comp_id 
_pdbx_struct_sheet_hbond.range_2_auth_asym_id 
_pdbx_struct_sheet_hbond.range_2_auth_seq_id 
A 1 2 N MET A 2  ? N MET A 838 O GLN A 87 ? O GLN A 923 
A 2 3 O THR A 84 ? O THR A 920 N ILE A 53 ? N ILE A 889 
A 3 4 N VAL A 55 ? N VAL A 891 O THR A 58 ? O THR A 894 
B 1 2 N LEU A 20 ? N LEU A 856 O TYR A 30 ? O TYR A 866 
# 
_atom_sites.entry_id                    2Q9V 
_atom_sites.fract_transf_matrix[1][1]   -0.01789372 
_atom_sites.fract_transf_matrix[1][2]   0.02463062 
_atom_sites.fract_transf_matrix[1][3]   0.00120276 
_atom_sites.fract_transf_matrix[2][1]   -0.01828815 
_atom_sites.fract_transf_matrix[2][2]   -0.01315731 
_atom_sites.fract_transf_matrix[2][3]   -0.00263574 
_atom_sites.fract_transf_matrix[3][1]   -0.00130320 
_atom_sites.fract_transf_matrix[3][2]   -0.00183580 
_atom_sites.fract_transf_matrix[3][3]   0.01820633 
_atom_sites.fract_transf_vector[1]      -0.025682 
_atom_sites.fract_transf_vector[2]      0.033247 
_atom_sites.fract_transf_vector[3]      -0.027893 
# 
loop_
_atom_type.symbol 
C 
N 
O 
S 
# 
loop_
_atom_site.group_PDB 
_atom_site.id 
_atom_site.type_symbol 
_atom_site.label_atom_id 
_atom_site.label_alt_id 
_atom_site.label_comp_id 
_atom_site.label_asym_id 
_atom_site.label_entity_id 
_atom_site.label_seq_id 
_atom_site.pdbx_PDB_ins_code 
_atom_site.Cartn_x 
_atom_site.Cartn_y 
_atom_site.Cartn_z 
_atom_site.occupancy 
_atom_site.B_iso_or_equiv 
_atom_site.pdbx_formal_charge 
_atom_site.auth_seq_id 
_atom_site.auth_comp_id 
_atom_site.auth_asym_id 
_atom_site.auth_atom_id 
_atom_site.pdbx_PDB_model_num 
ATOM   1   N N   . SER A 1 1  ? -6.170  15.972  0.061   1.00 37.02 ? 837 SER A N   1 
ATOM   2   C CA  . SER A 1 1  ? -5.011  15.044  -0.081  1.00 38.56 ? 837 SER A CA  1 
ATOM   3   C C   . SER A 1 1  ? -4.200  15.300  -1.353  1.00 39.09 ? 837 SER A C   1 
ATOM   4   O O   . SER A 1 1  ? -4.583  16.111  -2.202  1.00 38.91 ? 837 SER A O   1 
ATOM   5   C CB  . SER A 1 1  ? -5.493  13.590  -0.072  1.00 38.52 ? 837 SER A CB  1 
ATOM   6   O OG  . SER A 1 1  ? -6.084  13.241  -1.314  1.00 40.97 ? 837 SER A OG  1 
ATOM   7   N N   . MET A 1 2  ? -3.070  14.601  -1.464  1.00 40.03 ? 838 MET A N   1 
ATOM   8   C CA  . MET A 1 2  ? -2.227  14.645  -2.657  1.00 41.31 ? 838 MET A CA  1 
ATOM   9   C C   . MET A 1 2  ? -1.479  13.323  -2.856  1.00 38.97 ? 838 MET A C   1 
ATOM   10  O O   . MET A 1 2  ? -1.246  12.573  -1.900  1.00 35.33 ? 838 MET A O   1 
ATOM   11  C CB  . MET A 1 2  ? -1.238  15.806  -2.567  1.00 42.09 ? 838 MET A CB  1 
ATOM   12  C CG  . MET A 1 2  ? -0.234  15.714  -1.422  1.00 44.29 ? 838 MET A CG  1 
ATOM   13  S SD  . MET A 1 2  ? 0.967   17.052  -1.543  1.00 46.30 ? 838 MET A SD  1 
ATOM   14  C CE  . MET A 1 2  ? 2.400   16.311  -0.761  1.00 44.31 ? 838 MET A CE  1 
ATOM   15  N N   . GLU A 1 3  ? -1.109  13.037  -4.102  1.00 38.22 ? 839 GLU A N   1 
ATOM   16  C CA  . GLU A 1 3  ? -0.422  11.786  -4.413  1.00 38.56 ? 839 GLU A CA  1 
ATOM   17  C C   . GLU A 1 3  ? 1.047   11.849  -3.997  1.00 36.83 ? 839 GLU A C   1 
ATOM   18  O O   . GLU A 1 3  ? 1.738   12.845  -4.247  1.00 35.98 ? 839 GLU A O   1 
ATOM   19  C CB  . GLU A 1 3  ? -0.537  11.435  -5.898  1.00 38.21 ? 839 GLU A CB  1 
ATOM   20  C CG  . GLU A 1 3  ? -1.971  11.273  -6.369  1.00 40.29 ? 839 GLU A CG  1 
ATOM   21  C CD  . GLU A 1 3  ? -2.102  10.590  -7.730  1.00 41.85 ? 839 GLU A CD  1 
ATOM   22  O OE1 . GLU A 1 3  ? -1.073  10.349  -8.403  1.00 43.96 ? 839 GLU A OE1 1 
ATOM   23  O OE2 . GLU A 1 3  ? -3.252  10.287  -8.118  1.00 47.93 ? 839 GLU A OE2 1 
ATOM   24  N N   . GLN A 1 4  ? 1.504   10.781  -3.347  1.00 34.70 ? 840 GLN A N   1 
ATOM   25  C CA  . GLN A 1 4  ? 2.889   10.644  -2.905  1.00 33.66 ? 840 GLN A CA  1 
ATOM   26  C C   . GLN A 1 4  ? 3.354   9.225   -3.208  1.00 31.93 ? 840 GLN A C   1 
ATOM   27  O O   . GLN A 1 4  ? 2.582   8.277   -3.061  1.00 27.96 ? 840 GLN A O   1 
ATOM   28  C CB  . GLN A 1 4  ? 2.993   10.894  -1.399  1.00 33.99 ? 840 GLN A CB  1 
ATOM   29  C CG  . GLN A 1 4  ? 2.697   12.327  -0.946  1.00 38.92 ? 840 GLN A CG  1 
ATOM   30  C CD  . GLN A 1 4  ? 3.922   13.225  -0.986  1.00 41.77 ? 840 GLN A CD  1 
ATOM   31  O OE1 . GLN A 1 4  ? 4.596   13.319  -2.006  1.00 39.25 ? 840 GLN A OE1 1 
ATOM   32  N NE2 . GLN A 1 4  ? 4.217   13.885  0.136   1.00 47.12 ? 840 GLN A NE2 1 
ATOM   33  N N   . ASP A 1 5  ? 4.613   9.086   -3.626  1.00 31.46 ? 841 ASP A N   1 
ATOM   34  C CA  . ASP A 1 5  ? 5.247   7.773   -3.757  1.00 32.18 ? 841 ASP A CA  1 
ATOM   35  C C   . ASP A 1 5  ? 6.007   7.414   -2.480  1.00 31.80 ? 841 ASP A C   1 
ATOM   36  O O   . ASP A 1 5  ? 6.745   8.234   -1.925  1.00 29.81 ? 841 ASP A O   1 
ATOM   37  C CB  . ASP A 1 5  ? 6.180   7.717   -4.973  1.00 32.15 ? 841 ASP A CB  1 
ATOM   38  C CG  . ASP A 1 5  ? 5.438   7.402   -6.267  1.00 37.78 ? 841 ASP A CG  1 
ATOM   39  O OD1 . ASP A 1 5  ? 4.217   7.671   -6.341  1.00 37.80 ? 841 ASP A OD1 1 
ATOM   40  O OD2 . ASP A 1 5  ? 6.079   6.880   -7.206  1.00 41.77 ? 841 ASP A OD2 1 
ATOM   41  N N   . ILE A 1 6  ? 5.793   6.188   -2.009  1.00 29.96 ? 842 ILE A N   1 
ATOM   42  C CA  . ILE A 1 6  ? 6.496   5.671   -0.842  1.00 28.88 ? 842 ILE A CA  1 
ATOM   43  C C   . ILE A 1 6  ? 7.151   4.334   -1.203  1.00 28.47 ? 842 ILE A C   1 
ATOM   44  O O   . ILE A 1 6  ? 6.469   3.315   -1.392  1.00 26.05 ? 842 ILE A O   1 
ATOM   45  C CB  . ILE A 1 6  ? 5.541   5.505   0.373   1.00 29.18 ? 842 ILE A CB  1 
ATOM   46  C CG1 . ILE A 1 6  ? 4.923   6.860   0.752   1.00 29.32 ? 842 ILE A CG1 1 
ATOM   47  C CG2 . ILE A 1 6  ? 6.287   4.901   1.577   1.00 25.32 ? 842 ILE A CG2 1 
ATOM   48  C CD1 . ILE A 1 6  ? 3.804   6.761   1.784   1.00 27.88 ? 842 ILE A CD1 1 
ATOM   49  N N   . PHE A 1 7  ? 8.478   4.357   -1.319  1.00 27.90 ? 843 PHE A N   1 
ATOM   50  C CA  . PHE A 1 7  ? 9.249   3.142   -1.507  1.00 27.33 ? 843 PHE A CA  1 
ATOM   51  C C   . PHE A 1 7  ? 9.646   2.570   -0.146  1.00 27.14 ? 843 PHE A C   1 
ATOM   52  O O   . PHE A 1 7  ? 10.117  3.307   0.728   1.00 27.35 ? 843 PHE A O   1 
ATOM   53  C CB  . PHE A 1 7  ? 10.495  3.414   -2.353  1.00 27.68 ? 843 PHE A CB  1 
ATOM   54  C CG  . PHE A 1 7  ? 11.350  2.201   -2.564  1.00 27.05 ? 843 PHE A CG  1 
ATOM   55  C CD1 . PHE A 1 7  ? 11.093  1.325   -3.619  1.00 29.90 ? 843 PHE A CD1 1 
ATOM   56  C CD2 . PHE A 1 7  ? 12.398  1.915   -1.691  1.00 28.17 ? 843 PHE A CD2 1 
ATOM   57  C CE1 . PHE A 1 7  ? 11.875  0.192   -3.810  1.00 28.53 ? 843 PHE A CE1 1 
ATOM   58  C CE2 . PHE A 1 7  ? 13.186  0.785   -1.872  1.00 29.74 ? 843 PHE A CE2 1 
ATOM   59  C CZ  . PHE A 1 7  ? 12.926  -0.080  -2.937  1.00 29.86 ? 843 PHE A CZ  1 
ATOM   60  N N   . LEU A 1 8  ? 9.450   1.259   0.013   1.00 26.77 ? 844 LEU A N   1 
ATOM   61  C CA  . LEU A 1 8  ? 9.799   0.533   1.235   1.00 26.03 ? 844 LEU A CA  1 
ATOM   62  C C   . LEU A 1 8  ? 10.620  -0.702  0.905   1.00 27.05 ? 844 LEU A C   1 
ATOM   63  O O   . LEU A 1 8  ? 10.243  -1.485  0.028   1.00 24.83 ? 844 LEU A O   1 
ATOM   64  C CB  . LEU A 1 8  ? 8.538   0.074   1.984   1.00 26.83 ? 844 LEU A CB  1 
ATOM   65  C CG  . LEU A 1 8  ? 7.592   1.139   2.541   1.00 28.35 ? 844 LEU A CG  1 
ATOM   66  C CD1 . LEU A 1 8  ? 6.381   0.461   3.188   1.00 27.65 ? 844 LEU A CD1 1 
ATOM   67  C CD2 . LEU A 1 8  ? 8.298   2.055   3.534   1.00 25.06 ? 844 LEU A CD2 1 
ATOM   68  N N   . TRP A 1 9  ? 11.738  -0.873  1.614   1.00 27.59 ? 845 TRP A N   1 
ATOM   69  C CA  . TRP A 1 9  ? 12.445  -2.152  1.638   1.00 27.85 ? 845 TRP A CA  1 
ATOM   70  C C   . TRP A 1 9  ? 11.704  -3.090  2.588   1.00 27.68 ? 845 TRP A C   1 
ATOM   71  O O   . TRP A 1 9  ? 11.360  -2.712  3.720   1.00 26.71 ? 845 TRP A O   1 
ATOM   72  C CB  . TRP A 1 9  ? 13.899  -1.983  2.093   1.00 28.76 ? 845 TRP A CB  1 
ATOM   73  C CG  . TRP A 1 9  ? 14.781  -1.382  1.046   1.00 28.60 ? 845 TRP A CG  1 
ATOM   74  C CD1 . TRP A 1 9  ? 15.296  -0.116  1.031   1.00 29.16 ? 845 TRP A CD1 1 
ATOM   75  C CD2 . TRP A 1 9  ? 15.249  -2.021  -0.152  1.00 30.34 ? 845 TRP A CD2 1 
ATOM   76  N NE1 . TRP A 1 9  ? 16.062  0.071   -0.097  1.00 28.09 ? 845 TRP A NE1 1 
ATOM   77  C CE2 . TRP A 1 9  ? 16.051  -1.080  -0.841  1.00 29.21 ? 845 TRP A CE2 1 
ATOM   78  C CE3 . TRP A 1 9  ? 15.082  -3.300  -0.701  1.00 28.68 ? 845 TRP A CE3 1 
ATOM   79  C CZ2 . TRP A 1 9  ? 16.674  -1.373  -2.059  1.00 28.22 ? 845 TRP A CZ2 1 
ATOM   80  C CZ3 . TRP A 1 9  ? 15.704  -3.593  -1.915  1.00 28.74 ? 845 TRP A CZ3 1 
ATOM   81  C CH2 . TRP A 1 9  ? 16.493  -2.633  -2.576  1.00 27.19 ? 845 TRP A CH2 1 
ATOM   82  N N   . ARG A 1 10 ? 11.443  -4.307  2.123   1.00 25.92 ? 846 ARG A N   1 
ATOM   83  C CA  . ARG A 1 10 ? 10.824  -5.320  2.967   1.00 26.11 ? 846 ARG A CA  1 
ATOM   84  C C   . ARG A 1 10 ? 11.787  -5.722  4.080   1.00 24.90 ? 846 ARG A C   1 
ATOM   85  O O   . ARG A 1 10 ? 13.007  -5.801  3.871   1.00 25.32 ? 846 ARG A O   1 
ATOM   86  C CB  . ARG A 1 10 ? 10.444  -6.550  2.144   1.00 25.82 ? 846 ARG A CB  1 
ATOM   87  C CG  . ARG A 1 10 ? 9.406   -7.434  2.802   1.00 29.85 ? 846 ARG A CG  1 
ATOM   88  C CD  . ARG A 1 10 ? 8.928   -8.496  1.837   1.00 29.38 ? 846 ARG A CD  1 
ATOM   89  N NE  . ARG A 1 10 ? 7.920   -9.379  2.419   1.00 31.42 ? 846 ARG A NE  1 
ATOM   90  C CZ  . ARG A 1 10 ? 8.181   -10.376 3.267   1.00 33.35 ? 846 ARG A CZ  1 
ATOM   91  N NH1 . ARG A 1 10 ? 9.427   -10.641 3.663   1.00 30.77 ? 846 ARG A NH1 1 
ATOM   92  N NH2 . ARG A 1 10 ? 7.187   -11.119 3.737   1.00 32.58 ? 846 ARG A NH2 1 
ATOM   93  N N   . LYS A 1 11 ? 11.238  -5.955  5.265   1.00 24.89 ? 847 LYS A N   1 
ATOM   94  C CA  . LYS A 1 11 ? 12.009  -6.497  6.370   1.00 27.79 ? 847 LYS A CA  1 
ATOM   95  C C   . LYS A 1 11 ? 11.645  -7.967  6.510   1.00 28.12 ? 847 LYS A C   1 
ATOM   96  O O   . LYS A 1 11 ? 10.747  -8.461  5.815   1.00 25.58 ? 847 LYS A O   1 
ATOM   97  C CB  . LYS A 1 11 ? 11.723  -5.722  7.661   1.00 27.03 ? 847 LYS A CB  1 
ATOM   98  C CG  . LYS A 1 11 ? 12.111  -4.243  7.578   1.00 29.71 ? 847 LYS A CG  1 
ATOM   99  N N   . GLU A 1 12 ? 12.346  -8.662  7.405   1.00 29.51 ? 848 GLU A N   1 
ATOM   100 C CA  . GLU A 1 12 ? 12.067  -10.071 7.690   1.00 31.63 ? 848 GLU A CA  1 
ATOM   101 C C   . GLU A 1 12 ? 10.620  -10.257 8.184   1.00 29.90 ? 848 GLU A C   1 
ATOM   102 O O   . GLU A 1 12 ? 10.002  -11.296 7.947   1.00 29.41 ? 848 GLU A O   1 
ATOM   103 C CB  . GLU A 1 12 ? 13.065  -10.610 8.721   1.00 32.44 ? 848 GLU A CB  1 
ATOM   104 C CG  . GLU A 1 12 ? 13.008  -12.120 8.907   1.00 38.15 ? 848 GLU A CG  1 
ATOM   105 C CD  . GLU A 1 12 ? 14.262  -12.690 9.566   1.00 36.81 ? 848 GLU A CD  1 
ATOM   106 O OE1 . GLU A 1 12 ? 14.908  -11.977 10.373  1.00 43.84 ? 848 GLU A OE1 1 
ATOM   107 O OE2 . GLU A 1 12 ? 14.600  -13.856 9.266   1.00 47.86 ? 848 GLU A OE2 1 
ATOM   108 N N   . THR A 1 13 ? 10.095  -9.230  8.852   1.00 27.97 ? 849 THR A N   1 
ATOM   109 C CA  . THR A 1 13 ? 8.702   -9.184  9.299   1.00 27.03 ? 849 THR A CA  1 
ATOM   110 C C   . THR A 1 13 ? 7.699   -8.788  8.204   1.00 27.19 ? 849 THR A C   1 
ATOM   111 O O   . THR A 1 13 ? 6.496   -8.728  8.468   1.00 26.71 ? 849 THR A O   1 
ATOM   112 C CB  . THR A 1 13 ? 8.550   -8.140  10.420  1.00 28.17 ? 849 THR A CB  1 
ATOM   113 O OG1 . THR A 1 13 ? 9.226   -6.938  10.028  1.00 28.09 ? 849 THR A OG1 1 
ATOM   114 N N   . GLY A 1 14 ? 8.189   -8.485  6.997   1.00 26.63 ? 850 GLY A N   1 
ATOM   115 C CA  . GLY A 1 14 ? 7.341   -8.048  5.888   1.00 25.75 ? 850 GLY A CA  1 
ATOM   116 C C   . GLY A 1 14 ? 7.356   -6.539  5.689   1.00 25.48 ? 850 GLY A C   1 
ATOM   117 O O   . GLY A 1 14 ? 8.349   -5.870  5.998   1.00 23.15 ? 850 GLY A O   1 
ATOM   118 N N   . PHE A 1 15 ? 6.254   -6.018  5.145   1.00 25.82 ? 851 PHE A N   1 
ATOM   119 C CA  . PHE A 1 15 ? 6.057   -4.578  4.937   1.00 25.98 ? 851 PHE A CA  1 
ATOM   120 C C   . PHE A 1 15 ? 5.284   -3.921  6.092   1.00 26.26 ? 851 PHE A C   1 
ATOM   121 O O   . PHE A 1 15 ? 5.459   -2.731  6.365   1.00 26.40 ? 851 PHE A O   1 
ATOM   122 C CB  . PHE A 1 15 ? 5.322   -4.328  3.612   1.00 26.22 ? 851 PHE A CB  1 
ATOM   123 C CG  . PHE A 1 15 ? 6.131   -4.687  2.391   1.00 27.83 ? 851 PHE A CG  1 
ATOM   124 C CD1 . PHE A 1 15 ? 5.774   -5.768  1.591   1.00 27.68 ? 851 PHE A CD1 1 
ATOM   125 C CD2 . PHE A 1 15 ? 7.255   -3.937  2.046   1.00 29.87 ? 851 PHE A CD2 1 
ATOM   126 C CE1 . PHE A 1 15 ? 6.526   -6.103  0.466   1.00 31.12 ? 851 PHE A CE1 1 
ATOM   127 C CE2 . PHE A 1 15 ? 8.014   -4.259  0.921   1.00 27.88 ? 851 PHE A CE2 1 
ATOM   128 C CZ  . PHE A 1 15 ? 7.649   -5.344  0.127   1.00 27.09 ? 851 PHE A CZ  1 
ATOM   129 N N   . GLY A 1 16 ? 4.422   -4.695  6.750   1.00 25.43 ? 852 GLY A N   1 
ATOM   130 C CA  . GLY A 1 16 ? 3.743   -4.243  7.965   1.00 26.56 ? 852 GLY A CA  1 
ATOM   131 C C   . GLY A 1 16 ? 2.584   -3.289  7.732   1.00 26.18 ? 852 GLY A C   1 
ATOM   132 O O   . GLY A 1 16 ? 2.426   -2.305  8.457   1.00 25.91 ? 852 GLY A O   1 
ATOM   133 N N   . PHE A 1 17 ? 1.775   -3.567  6.713   1.00 27.10 ? 853 PHE A N   1 
ATOM   134 C CA  . PHE A 1 17 ? 0.534   -2.821  6.519   1.00 27.70 ? 853 PHE A CA  1 
ATOM   135 C C   . PHE A 1 17 ? -0.525  -3.718  5.908   1.00 28.63 ? 853 PHE A C   1 
ATOM   136 O O   . PHE A 1 17 ? -0.207  -4.644  5.152   1.00 25.41 ? 853 PHE A O   1 
ATOM   137 C CB  . PHE A 1 17 ? 0.748   -1.551  5.679   1.00 29.47 ? 853 PHE A CB  1 
ATOM   138 C CG  . PHE A 1 17 ? 0.992   -1.811  4.213   1.00 27.18 ? 853 PHE A CG  1 
ATOM   139 C CD1 . PHE A 1 17 ? 2.273   -2.073  3.743   1.00 29.70 ? 853 PHE A CD1 1 
ATOM   140 C CD2 . PHE A 1 17 ? -0.062  -1.782  3.302   1.00 31.37 ? 853 PHE A CD2 1 
ATOM   141 C CE1 . PHE A 1 17 ? 2.504   -2.315  2.390   1.00 32.53 ? 853 PHE A CE1 1 
ATOM   142 C CE2 . PHE A 1 17 ? 0.157   -2.025  1.949   1.00 28.74 ? 853 PHE A CE2 1 
ATOM   143 C CZ  . PHE A 1 17 ? 1.448   -2.294  1.492   1.00 27.82 ? 853 PHE A CZ  1 
ATOM   144 N N   . ARG A 1 18 ? -1.777  -3.448  6.274   1.00 28.37 ? 854 ARG A N   1 
ATOM   145 C CA  . ARG A 1 18 ? -2.934  -4.148  5.731   1.00 29.65 ? 854 ARG A CA  1 
ATOM   146 C C   . ARG A 1 18 ? -3.688  -3.219  4.781   1.00 29.56 ? 854 ARG A C   1 
ATOM   147 O O   . ARG A 1 18 ? -3.419  -2.009  4.718   1.00 29.01 ? 854 ARG A O   1 
ATOM   148 C CB  . ARG A 1 18 ? -3.873  -4.606  6.857   1.00 28.77 ? 854 ARG A CB  1 
ATOM   149 C CG  . ARG A 1 18 ? -3.229  -5.478  7.933   1.00 30.62 ? 854 ARG A CG  1 
ATOM   150 C CD  . ARG A 1 18 ? -3.033  -6.924  7.490   1.00 32.67 ? 854 ARG A CD  1 
ATOM   151 N NE  . ARG A 1 18 ? -1.771  -7.133  6.773   1.00 32.60 ? 854 ARG A NE  1 
ATOM   152 C CZ  . ARG A 1 18 ? -0.578  -7.289  7.347   1.00 34.16 ? 854 ARG A CZ  1 
ATOM   153 N NH1 . ARG A 1 18 ? 0.491   -7.476  6.580   1.00 37.01 ? 854 ARG A NH1 1 
ATOM   154 N NH2 . ARG A 1 18 ? -0.428  -7.246  8.669   1.00 34.91 ? 854 ARG A NH2 1 
ATOM   155 N N   . ILE A 1 19 ? -4.640  -3.794  4.053   1.00 30.41 ? 855 ILE A N   1 
ATOM   156 C CA  . ILE A 1 19 ? -5.421  -3.063  3.057   1.00 32.19 ? 855 ILE A CA  1 
ATOM   157 C C   . ILE A 1 19 ? -6.917  -3.241  3.334   1.00 30.69 ? 855 ILE A C   1 
ATOM   158 O O   . ILE A 1 19 ? -7.347  -4.294  3.818   1.00 29.41 ? 855 ILE A O   1 
ATOM   159 C CB  . ILE A 1 19 ? -5.079  -3.555  1.618   1.00 33.31 ? 855 ILE A CB  1 
ATOM   160 C CG1 . ILE A 1 19 ? -3.663  -3.115  1.214   1.00 38.34 ? 855 ILE A CG1 1 
ATOM   161 C CG2 . ILE A 1 19 ? -6.094  -3.045  0.597   1.00 39.04 ? 855 ILE A CG2 1 
ATOM   162 C CD1 . ILE A 1 19 ? -3.533  -1.635  0.927   1.00 46.41 ? 855 ILE A CD1 1 
ATOM   163 N N   . LEU A 1 20 ? -7.687  -2.198  3.027   1.00 30.21 ? 856 LEU A N   1 
ATOM   164 C CA  . LEU A 1 20 ? -9.151  -2.229  3.096   1.00 30.78 ? 856 LEU A CA  1 
ATOM   165 C C   . LEU A 1 20 ? -9.742  -1.905  1.723   1.00 29.57 ? 856 LEU A C   1 
ATOM   166 O O   . LEU A 1 20 ? -9.108  -1.231  0.905   1.00 27.67 ? 856 LEU A O   1 
ATOM   167 C CB  . LEU A 1 20 ? -9.665  -1.204  4.117   1.00 30.78 ? 856 LEU A CB  1 
ATOM   168 C CG  . LEU A 1 20 ? -9.298  -1.436  5.588   1.00 32.34 ? 856 LEU A CG  1 
ATOM   169 C CD1 . LEU A 1 20 ? -9.402  -0.129  6.366   1.00 28.86 ? 856 LEU A CD1 1 
ATOM   170 C CD2 . LEU A 1 20 ? -10.181 -2.530  6.207   1.00 30.05 ? 856 LEU A CD2 1 
ATOM   171 N N   . GLY A 1 21 ? -10.961 -2.379  1.480   1.00 29.60 ? 857 GLY A N   1 
ATOM   172 C CA  . GLY A 1 21 ? -11.690 -2.049  0.252   1.00 29.75 ? 857 GLY A CA  1 
ATOM   173 C C   . GLY A 1 21 ? -11.209 -2.809  -0.973  1.00 29.04 ? 857 GLY A C   1 
ATOM   174 O O   . GLY A 1 21 ? -10.526 -3.837  -0.859  1.00 28.42 ? 857 GLY A O   1 
ATOM   175 N N   . GLY A 1 22 ? -11.579 -2.298  -2.148  1.00 28.82 ? 858 GLY A N   1 
ATOM   176 C CA  . GLY A 1 22 ? -11.373 -2.998  -3.418  1.00 27.86 ? 858 GLY A CA  1 
ATOM   177 C C   . GLY A 1 22 ? -11.983 -4.390  -3.444  1.00 28.21 ? 858 GLY A C   1 
ATOM   178 O O   . GLY A 1 22 ? -11.536 -5.249  -4.200  1.00 27.26 ? 858 GLY A O   1 
ATOM   179 N N   . ASN A 1 23 ? -13.013 -4.615  -2.629  1.00 28.32 ? 859 ASN A N   1 
ATOM   180 C CA  . ASN A 1 23 ? -13.686 -5.913  -2.571  1.00 29.25 ? 859 ASN A CA  1 
ATOM   181 C C   . ASN A 1 23 ? -14.427 -6.188  -3.876  1.00 30.02 ? 859 ASN A C   1 
ATOM   182 O O   . ASN A 1 23 ? -14.593 -7.335  -4.280  1.00 28.96 ? 859 ASN A O   1 
ATOM   183 C CB  . ASN A 1 23 ? -14.645 -5.969  -1.380  1.00 29.31 ? 859 ASN A CB  1 
ATOM   184 C CG  . ASN A 1 23 ? -13.916 -5.910  -0.049  1.00 30.71 ? 859 ASN A CG  1 
ATOM   185 O OD1 . ASN A 1 23 ? -13.253 -6.867  0.345   1.00 35.68 ? 859 ASN A OD1 1 
ATOM   186 N ND2 . ASN A 1 23 ? -14.036 -4.786  0.648   1.00 28.90 ? 859 ASN A ND2 1 
ATOM   187 N N   . GLU A 1 24 ? -14.860 -5.110  -4.524  1.00 30.15 ? 860 GLU A N   1 
ATOM   188 C CA  . GLU A 1 24 ? -15.367 -5.150  -5.887  1.00 30.28 ? 860 GLU A CA  1 
ATOM   189 C C   . GLU A 1 24 ? -14.711 -4.006  -6.660  1.00 32.25 ? 860 GLU A C   1 
ATOM   190 O O   . GLU A 1 24 ? -14.313 -2.997  -6.056  1.00 31.18 ? 860 GLU A O   1 
ATOM   191 C CB  . GLU A 1 24 ? -16.892 -5.010  -5.903  1.00 28.80 ? 860 GLU A CB  1 
ATOM   192 C CG  . GLU A 1 24 ? -17.412 -3.679  -5.345  1.00 28.52 ? 860 GLU A CG  1 
ATOM   193 C CD  . GLU A 1 24 ? -18.891 -3.730  -5.003  1.00 28.30 ? 860 GLU A CD  1 
ATOM   194 O OE1 . GLU A 1 24 ? -19.717 -3.323  -5.850  1.00 28.51 ? 860 GLU A OE1 1 
ATOM   195 O OE2 . GLU A 1 24 ? -19.232 -4.209  -3.898  1.00 24.96 ? 860 GLU A OE2 1 
ATOM   196 N N   . PRO A 1 25 ? -14.581 -4.154  -7.991  1.00 33.72 ? 861 PRO A N   1 
ATOM   197 C CA  . PRO A 1 25 ? -14.033 -3.046  -8.782  1.00 33.72 ? 861 PRO A CA  1 
ATOM   198 C C   . PRO A 1 25 ? -14.867 -1.772  -8.610  1.00 32.97 ? 861 PRO A C   1 
ATOM   199 O O   . PRO A 1 25 ? -16.103 -1.827  -8.675  1.00 31.89 ? 861 PRO A O   1 
ATOM   200 C CB  . PRO A 1 25 ? -14.104 -3.567  -10.227 1.00 34.93 ? 861 PRO A CB  1 
ATOM   201 C CG  . PRO A 1 25 ? -14.170 -5.057  -10.105 1.00 35.47 ? 861 PRO A CG  1 
ATOM   202 C CD  . PRO A 1 25 ? -14.913 -5.324  -8.828  1.00 35.81 ? 861 PRO A CD  1 
ATOM   203 N N   . GLY A 1 26 ? -14.196 -0.647  -8.364  1.00 32.01 ? 862 GLY A N   1 
ATOM   204 C CA  . GLY A 1 26 ? -14.872 0.631   -8.137  1.00 31.59 ? 862 GLY A CA  1 
ATOM   205 C C   . GLY A 1 26 ? -14.883 1.043   -6.677  1.00 30.58 ? 862 GLY A C   1 
ATOM   206 O O   . GLY A 1 26 ? -14.907 2.237   -6.365  1.00 27.72 ? 862 GLY A O   1 
ATOM   207 N N   . GLU A 1 27 ? -14.879 0.064   -5.773  1.00 30.36 ? 863 GLU A N   1 
ATOM   208 C CA  . GLU A 1 27 ? -14.769 0.359   -4.347  1.00 30.59 ? 863 GLU A CA  1 
ATOM   209 C C   . GLU A 1 27 ? -13.325 0.768   -4.052  1.00 29.65 ? 863 GLU A C   1 
ATOM   210 O O   . GLU A 1 27 ? -12.402 -0.004  -4.329  1.00 29.64 ? 863 GLU A O   1 
ATOM   211 C CB  . GLU A 1 27 ? -15.167 -0.840  -3.482  1.00 29.93 ? 863 GLU A CB  1 
ATOM   212 C CG  . GLU A 1 27 ? -15.179 -0.519  -1.992  1.00 29.13 ? 863 GLU A CG  1 
ATOM   213 C CD  . GLU A 1 27 ? -15.485 -1.721  -1.136  1.00 31.01 ? 863 GLU A CD  1 
ATOM   214 O OE1 . GLU A 1 27 ? -14.763 -2.735  -1.257  1.00 29.72 ? 863 GLU A OE1 1 
ATOM   215 O OE2 . GLU A 1 27 ? -16.437 -1.643  -0.332  1.00 31.81 ? 863 GLU A OE2 1 
ATOM   216 N N   . PRO A 1 28 ? -13.123 1.986   -3.508  1.00 30.11 ? 864 PRO A N   1 
ATOM   217 C CA  . PRO A 1 28 ? -11.763 2.453   -3.223  1.00 28.47 ? 864 PRO A CA  1 
ATOM   218 C C   . PRO A 1 28 ? -10.972 1.550   -2.271  1.00 27.57 ? 864 PRO A C   1 
ATOM   219 O O   . PRO A 1 28 ? -11.546 0.900   -1.380  1.00 24.43 ? 864 PRO A O   1 
ATOM   220 C CB  . PRO A 1 28 ? -11.982 3.839   -2.592  1.00 28.39 ? 864 PRO A CB  1 
ATOM   221 C CG  . PRO A 1 28 ? -13.327 4.256   -3.028  1.00 28.50 ? 864 PRO A CG  1 
ATOM   222 C CD  . PRO A 1 28 ? -14.131 3.006   -3.158  1.00 30.42 ? 864 PRO A CD  1 
ATOM   223 N N   . ILE A 1 29 ? -9.659  1.522   -2.490  1.00 27.30 ? 865 ILE A N   1 
ATOM   224 C CA  . ILE A 1 29 ? -8.732  0.724   -1.705  1.00 27.31 ? 865 ILE A CA  1 
ATOM   225 C C   . ILE A 1 29 ? -7.983  1.669   -0.765  1.00 27.23 ? 865 ILE A C   1 
ATOM   226 O O   . ILE A 1 29 ? -7.425  2.682   -1.208  1.00 26.65 ? 865 ILE A O   1 
ATOM   227 C CB  . ILE A 1 29 ? -7.722  -0.015  -2.624  1.00 28.05 ? 865 ILE A CB  1 
ATOM   228 C CG1 . ILE A 1 29 ? -8.459  -0.956  -3.586  1.00 29.25 ? 865 ILE A CG1 1 
ATOM   229 C CG2 . ILE A 1 29 ? -6.682  -0.795  -1.795  1.00 28.28 ? 865 ILE A CG2 1 
ATOM   230 C CD1 . ILE A 1 29 ? -7.635  -1.407  -4.786  1.00 30.44 ? 865 ILE A CD1 1 
ATOM   231 N N   . TYR A 1 30 ? -7.982  1.345   0.526   1.00 27.00 ? 866 TYR A N   1 
ATOM   232 C CA  . TYR A 1 30 ? -7.285  2.167   1.524   1.00 28.42 ? 866 TYR A CA  1 
ATOM   233 C C   . TYR A 1 30 ? -6.251  1.355   2.289   1.00 28.21 ? 866 TYR A C   1 
ATOM   234 O O   . TYR A 1 30 ? -6.340  0.121   2.374   1.00 28.21 ? 866 TYR A O   1 
ATOM   235 C CB  . TYR A 1 30 ? -8.274  2.782   2.527   1.00 27.71 ? 866 TYR A CB  1 
ATOM   236 C CG  . TYR A 1 30 ? -9.294  3.699   1.908   1.00 27.03 ? 866 TYR A CG  1 
ATOM   237 C CD1 . TYR A 1 30 ? -8.965  5.006   1.569   1.00 26.21 ? 866 TYR A CD1 1 
ATOM   238 C CD2 . TYR A 1 30 ? -10.597 3.260   1.664   1.00 26.04 ? 866 TYR A CD2 1 
ATOM   239 C CE1 . TYR A 1 30 ? -9.903  5.854   0.993   1.00 27.79 ? 866 TYR A CE1 1 
ATOM   240 C CE2 . TYR A 1 30 ? -11.539 4.093   1.096   1.00 27.27 ? 866 TYR A CE2 1 
ATOM   241 C CZ  . TYR A 1 30 ? -11.188 5.391   0.757   1.00 27.63 ? 866 TYR A CZ  1 
ATOM   242 O OH  . TYR A 1 30 ? -12.125 6.231   0.196   1.00 26.77 ? 866 TYR A OH  1 
ATOM   243 N N   . ILE A 1 31 ? -5.274  2.064   2.846   1.00 29.19 ? 867 ILE A N   1 
ATOM   244 C CA  . ILE A 1 31 ? -4.353  1.479   3.805   1.00 29.39 ? 867 ILE A CA  1 
ATOM   245 C C   . ILE A 1 31 ? -5.142  1.270   5.103   1.00 29.79 ? 867 ILE A C   1 
ATOM   246 O O   . ILE A 1 31 ? -5.787  2.192   5.601   1.00 28.53 ? 867 ILE A O   1 
ATOM   247 C CB  . ILE A 1 31 ? -3.114  2.382   4.058   1.00 30.39 ? 867 ILE A CB  1 
ATOM   248 C CG1 . ILE A 1 31 ? -2.377  2.681   2.740   1.00 28.94 ? 867 ILE A CG1 1 
ATOM   249 C CG2 . ILE A 1 31 ? -2.171  1.740   5.086   1.00 27.15 ? 867 ILE A CG2 1 
ATOM   250 C CD1 . ILE A 1 31 ? -2.010  1.455   1.910   1.00 27.28 ? 867 ILE A CD1 1 
ATOM   251 N N   . GLY A 1 32 ? -5.120  0.039   5.612   1.00 30.41 ? 868 GLY A N   1 
ATOM   252 C CA  . GLY A 1 32 ? -5.751  -0.295  6.881   1.00 29.11 ? 868 GLY A CA  1 
ATOM   253 C C   . GLY A 1 32 ? -4.714  -0.257  7.982   1.00 29.67 ? 868 GLY A C   1 
ATOM   254 O O   . GLY A 1 32 ? -3.945  0.702   8.092   1.00 30.27 ? 868 GLY A O   1 
ATOM   255 N N   . HIS A 1 33 ? -4.683  -1.314  8.789   1.00 29.65 ? 869 HIS A N   1 
ATOM   256 C CA  . HIS A 1 33 ? -3.798  -1.385  9.942   1.00 30.73 ? 869 HIS A CA  1 
ATOM   257 C C   . HIS A 1 33 ? -2.316  -1.356  9.549   1.00 31.27 ? 869 HIS A C   1 
ATOM   258 O O   . HIS A 1 33 ? -1.880  -2.074  8.637   1.00 29.22 ? 869 HIS A O   1 
ATOM   259 C CB  . HIS A 1 33 ? -4.099  -2.647  10.754  1.00 31.09 ? 869 HIS A CB  1 
ATOM   260 C CG  . HIS A 1 33 ? -3.224  -2.815  11.954  1.00 34.20 ? 869 HIS A CG  1 
ATOM   261 N ND1 . HIS A 1 33 ? -2.377  -3.889  12.111  1.00 35.39 ? 869 HIS A ND1 1 
ATOM   262 C CD2 . HIS A 1 33 ? -3.054  -2.036  13.050  1.00 32.63 ? 869 HIS A CD2 1 
ATOM   263 C CE1 . HIS A 1 33 ? -1.728  -3.771  13.257  1.00 35.39 ? 869 HIS A CE1 1 
ATOM   264 N NE2 . HIS A 1 33 ? -2.122  -2.656  13.846  1.00 35.76 ? 869 HIS A NE2 1 
ATOM   265 N N   . ILE A 1 34 ? -1.557  -0.506  10.241  1.00 31.03 ? 870 ILE A N   1 
ATOM   266 C CA  . ILE A 1 34 ? -0.114  -0.452  10.091  1.00 32.26 ? 870 ILE A CA  1 
ATOM   267 C C   . ILE A 1 34 ? 0.514   -1.117  11.314  1.00 31.76 ? 870 ILE A C   1 
ATOM   268 O O   . ILE A 1 34 ? 0.305   -0.681  12.447  1.00 29.90 ? 870 ILE A O   1 
ATOM   269 C CB  . ILE A 1 34 ? 0.379   1.009   9.906   1.00 33.73 ? 870 ILE A CB  1 
ATOM   270 C CG1 . ILE A 1 34 ? -0.065  1.515   8.524   1.00 34.77 ? 870 ILE A CG1 1 
ATOM   271 C CG2 . ILE A 1 34 ? 1.912   1.100   10.086  1.00 30.64 ? 870 ILE A CG2 1 
ATOM   272 C CD1 . ILE A 1 34 ? 0.494   2.862   8.127   1.00 34.17 ? 870 ILE A CD1 1 
ATOM   273 N N   . VAL A 1 35 ? 1.263   -2.191  11.067  1.00 30.29 ? 871 VAL A N   1 
ATOM   274 C CA  . VAL A 1 35 ? 1.868   -2.990  12.124  1.00 29.77 ? 871 VAL A CA  1 
ATOM   275 C C   . VAL A 1 35 ? 2.946   -2.187  12.871  1.00 30.49 ? 871 VAL A C   1 
ATOM   276 O O   . VAL A 1 35 ? 3.928   -1.733  12.265  1.00 29.27 ? 871 VAL A O   1 
ATOM   277 C CB  . VAL A 1 35 ? 2.498   -4.285  11.550  1.00 30.18 ? 871 VAL A CB  1 
ATOM   278 C CG1 . VAL A 1 35 ? 3.237   -5.062  12.641  1.00 30.49 ? 871 VAL A CG1 1 
ATOM   279 C CG2 . VAL A 1 35 ? 1.424   -5.150  10.882  1.00 30.16 ? 871 VAL A CG2 1 
ATOM   280 N N   . PRO A 1 36 ? 2.759   -1.987  14.188  1.00 30.59 ? 872 PRO A N   1 
ATOM   281 C CA  . PRO A 1 36 ? 3.764   -1.259  14.967  1.00 31.02 ? 872 PRO A CA  1 
ATOM   282 C C   . PRO A 1 36 ? 5.182   -1.837  14.827  1.00 30.43 ? 872 PRO A C   1 
ATOM   283 O O   . PRO A 1 36 ? 5.361   -3.059  14.859  1.00 30.11 ? 872 PRO A O   1 
ATOM   284 C CB  . PRO A 1 36 ? 3.266   -1.415  16.404  1.00 31.05 ? 872 PRO A CB  1 
ATOM   285 C CG  . PRO A 1 36 ? 1.798   -1.590  16.273  1.00 32.02 ? 872 PRO A CG  1 
ATOM   286 C CD  . PRO A 1 36 ? 1.602   -2.379  15.017  1.00 31.27 ? 872 PRO A CD  1 
ATOM   287 N N   . LEU A 1 37 ? 6.161   -0.948  14.655  1.00 28.94 ? 873 LEU A N   1 
ATOM   288 C CA  . LEU A 1 37 ? 7.579   -1.306  14.498  1.00 29.37 ? 873 LEU A CA  1 
ATOM   289 C C   . LEU A 1 37 ? 7.915   -2.051  13.199  1.00 28.17 ? 873 LEU A C   1 
ATOM   290 O O   . LEU A 1 37 ? 9.070   -2.412  12.989  1.00 27.87 ? 873 LEU A O   1 
ATOM   291 C CB  . LEU A 1 37 ? 8.089   -2.105  15.710  1.00 29.48 ? 873 LEU A CB  1 
ATOM   292 C CG  . LEU A 1 37 ? 7.768   -1.526  17.094  1.00 30.01 ? 873 LEU A CG  1 
ATOM   293 C CD1 . LEU A 1 37 ? 8.416   -2.361  18.197  1.00 26.19 ? 873 LEU A CD1 1 
ATOM   294 C CD2 . LEU A 1 37 ? 8.208   -0.073  17.188  1.00 31.33 ? 873 LEU A CD2 1 
ATOM   295 N N   . GLY A 1 38 ? 6.923   -2.266  12.334  1.00 27.67 ? 874 GLY A N   1 
ATOM   296 C CA  . GLY A 1 38 ? 7.154   -2.877  11.025  1.00 27.07 ? 874 GLY A CA  1 
ATOM   297 C C   . GLY A 1 38 ? 7.744   -1.871  10.046  1.00 26.13 ? 874 GLY A C   1 
ATOM   298 O O   . GLY A 1 38 ? 7.971   -0.707  10.396  1.00 23.13 ? 874 GLY A O   1 
ATOM   299 N N   . ALA A 1 39 ? 7.977   -2.321  8.818   1.00 26.06 ? 875 ALA A N   1 
ATOM   300 C CA  . ALA A 1 39 ? 8.643   -1.512  7.792   1.00 26.18 ? 875 ALA A CA  1 
ATOM   301 C C   . ALA A 1 39 ? 7.925   -0.178  7.509   1.00 26.76 ? 875 ALA A C   1 
ATOM   302 O O   . ALA A 1 39 ? 8.558   0.883   7.504   1.00 24.98 ? 875 ALA A O   1 
ATOM   303 C CB  . ALA A 1 39 ? 8.809   -2.322  6.496   1.00 24.67 ? 875 ALA A CB  1 
ATOM   304 N N   . ALA A 1 40 ? 6.612   -0.239  7.285   1.00 27.21 ? 876 ALA A N   1 
ATOM   305 C CA  . ALA A 1 40 ? 5.829   0.967   6.985   1.00 27.61 ? 876 ALA A CA  1 
ATOM   306 C C   . ALA A 1 40 ? 5.814   1.932   8.181   1.00 26.81 ? 876 ALA A C   1 
ATOM   307 O O   . ALA A 1 40 ? 6.030   3.138   8.012   1.00 24.78 ? 876 ALA A O   1 
ATOM   308 C CB  . ALA A 1 40 ? 4.400   0.597   6.569   1.00 26.57 ? 876 ALA A CB  1 
ATOM   309 N N   . ASP A 1 41 ? 5.571   1.391   9.375   1.00 27.03 ? 877 ASP A N   1 
ATOM   310 C CA  . ASP A 1 41 ? 5.551   2.192   10.608  1.00 27.93 ? 877 ASP A CA  1 
ATOM   311 C C   . ASP A 1 41 ? 6.879   2.932   10.815  1.00 28.49 ? 877 ASP A C   1 
ATOM   312 O O   . ASP A 1 41 ? 6.892   4.144   11.062  1.00 26.68 ? 877 ASP A O   1 
ATOM   313 C CB  . ASP A 1 41 ? 5.244   1.308   11.831  1.00 27.34 ? 877 ASP A CB  1 
ATOM   314 C CG  . ASP A 1 41 ? 5.089   2.116   13.122  1.00 29.20 ? 877 ASP A CG  1 
ATOM   315 O OD1 . ASP A 1 41 ? 4.454   3.188   13.083  1.00 25.71 ? 877 ASP A OD1 1 
ATOM   316 O OD2 . ASP A 1 41 ? 5.607   1.681   14.173  1.00 29.55 ? 877 ASP A OD2 1 
ATOM   317 N N   . THR A 1 42 ? 7.982   2.191   10.691  1.00 28.54 ? 878 THR A N   1 
ATOM   318 C CA  . THR A 1 42 ? 9.334   2.726   10.922  1.00 30.22 ? 878 THR A CA  1 
ATOM   319 C C   . THR A 1 42 ? 9.708   3.814   9.908   1.00 29.31 ? 878 THR A C   1 
ATOM   320 O O   . THR A 1 42 ? 10.312  4.829   10.263  1.00 26.64 ? 878 THR A O   1 
ATOM   321 C CB  . THR A 1 42 ? 10.382  1.596   10.880  1.00 29.65 ? 878 THR A CB  1 
ATOM   322 O OG1 . THR A 1 42 ? 9.994   0.560   11.794  1.00 33.54 ? 878 THR A OG1 1 
ATOM   323 C CG2 . THR A 1 42 ? 11.772  2.117   11.253  1.00 32.70 ? 878 THR A CG2 1 
ATOM   324 N N   . ASP A 1 43 ? 9.336   3.595   8.650   1.00 28.25 ? 879 ASP A N   1 
ATOM   325 C CA  . ASP A 1 43 ? 9.502   4.612   7.620   1.00 28.41 ? 879 ASP A CA  1 
ATOM   326 C C   . ASP A 1 43 ? 8.717   5.884   7.971   1.00 27.48 ? 879 ASP A C   1 
ATOM   327 O O   . ASP A 1 43 ? 9.187   6.998   7.727   1.00 27.72 ? 879 ASP A O   1 
ATOM   328 C CB  . ASP A 1 43 ? 9.083   4.065   6.255   1.00 28.44 ? 879 ASP A CB  1 
ATOM   329 C CG  . ASP A 1 43 ? 9.096   5.126   5.179   1.00 29.52 ? 879 ASP A CG  1 
ATOM   330 O OD1 . ASP A 1 43 ? 10.142  5.288   4.505   1.00 23.80 ? 879 ASP A OD1 1 
ATOM   331 O OD2 . ASP A 1 43 ? 8.065   5.815   5.034   1.00 23.42 ? 879 ASP A OD2 1 
ATOM   332 N N   . GLY A 1 44 ? 7.521   5.714   8.532   1.00 26.70 ? 880 GLY A N   1 
ATOM   333 C CA  . GLY A 1 44 ? 6.754   6.832   9.079   1.00 26.54 ? 880 GLY A CA  1 
ATOM   334 C C   . GLY A 1 44 ? 5.763   7.519   8.148   1.00 26.57 ? 880 GLY A C   1 
ATOM   335 O O   . GLY A 1 44 ? 4.863   8.210   8.619   1.00 26.11 ? 880 GLY A O   1 
ATOM   336 N N   . ARG A 1 45 ? 5.904   7.331   6.837   1.00 26.50 ? 881 ARG A N   1 
ATOM   337 C CA  . ARG A 1 45 ? 5.120   8.117   5.864   1.00 27.40 ? 881 ARG A CA  1 
ATOM   338 C C   . ARG A 1 45 ? 3.708   7.583   5.632   1.00 26.90 ? 881 ARG A C   1 
ATOM   339 O O   . ARG A 1 45 ? 2.753   8.362   5.538   1.00 25.56 ? 881 ARG A O   1 
ATOM   340 C CB  . ARG A 1 45 ? 5.849   8.200   4.524   1.00 26.76 ? 881 ARG A CB  1 
ATOM   341 C CG  . ARG A 1 45 ? 7.077   9.093   4.559   1.00 27.17 ? 881 ARG A CG  1 
ATOM   342 C CD  . ARG A 1 45 ? 7.799   9.063   3.235   1.00 31.98 ? 881 ARG A CD  1 
ATOM   343 N NE  . ARG A 1 45 ? 8.454   7.774   3.000   1.00 34.78 ? 881 ARG A NE  1 
ATOM   344 C CZ  . ARG A 1 45 ? 9.045   7.428   1.856   1.00 26.87 ? 881 ARG A CZ  1 
ATOM   345 N NH1 . ARG A 1 45 ? 9.090   8.279   0.840   1.00 21.69 ? 881 ARG A NH1 1 
ATOM   346 N NH2 . ARG A 1 45 ? 9.619   6.231   1.748   1.00 24.90 ? 881 ARG A NH2 1 
ATOM   347 N N   . LEU A 1 46 ? 3.590   6.261   5.520   1.00 26.92 ? 882 LEU A N   1 
ATOM   348 C CA  . LEU A 1 46 ? 2.306   5.624   5.232   1.00 27.57 ? 882 LEU A CA  1 
ATOM   349 C C   . LEU A 1 46 ? 1.379   5.775   6.435   1.00 28.39 ? 882 LEU A C   1 
ATOM   350 O O   . LEU A 1 46 ? 1.814   5.626   7.584   1.00 28.70 ? 882 LEU A O   1 
ATOM   351 C CB  . LEU A 1 46 ? 2.500   4.141   4.884   1.00 27.73 ? 882 LEU A CB  1 
ATOM   352 C CG  . LEU A 1 46 ? 1.342   3.443   4.162   1.00 27.75 ? 882 LEU A CG  1 
ATOM   353 C CD1 . LEU A 1 46 ? 1.124   4.046   2.770   1.00 26.02 ? 882 LEU A CD1 1 
ATOM   354 C CD2 . LEU A 1 46 ? 1.583   1.930   4.077   1.00 28.28 ? 882 LEU A CD2 1 
ATOM   355 N N   . ARG A 1 47 ? 0.115   6.092   6.167   1.00 26.78 ? 883 ARG A N   1 
ATOM   356 C CA  . ARG A 1 47 ? -0.887  6.252   7.215   1.00 29.18 ? 883 ARG A CA  1 
ATOM   357 C C   . ARG A 1 47 ? -2.144  5.460   6.889   1.00 28.86 ? 883 ARG A C   1 
ATOM   358 O O   . ARG A 1 47 ? -2.560  5.385   5.723   1.00 26.76 ? 883 ARG A O   1 
ATOM   359 C CB  . ARG A 1 47 ? -1.254  7.731   7.391   1.00 30.16 ? 883 ARG A CB  1 
ATOM   360 C CG  . ARG A 1 47 ? -0.065  8.633   7.714   1.00 35.69 ? 883 ARG A CG  1 
ATOM   361 C CD  . ARG A 1 47 ? -0.495  9.894   8.453   1.00 47.85 ? 883 ARG A CD  1 
ATOM   362 N NE  . ARG A 1 47 ? -1.675  10.516  7.845   1.00 54.20 ? 883 ARG A NE  1 
ATOM   363 C CZ  . ARG A 1 47 ? -2.887  10.587  8.402   1.00 58.26 ? 883 ARG A CZ  1 
ATOM   364 N NH1 . ARG A 1 47 ? -3.124  10.121  9.627   1.00 65.48 ? 883 ARG A NH1 1 
ATOM   365 N NH2 . ARG A 1 47 ? -3.877  11.164  7.731   1.00 57.29 ? 883 ARG A NH2 1 
ATOM   366 N N   . SER A 1 48 ? -2.749  4.877   7.924   1.00 28.16 ? 884 SER A N   1 
ATOM   367 C CA  . SER A 1 48 ? -4.053  4.234   7.796   1.00 27.26 ? 884 SER A CA  1 
ATOM   368 C C   . SER A 1 48 ? -5.050  5.258   7.252   1.00 26.69 ? 884 SER A C   1 
ATOM   369 O O   . SER A 1 48 ? -5.074  6.401   7.702   1.00 24.43 ? 884 SER A O   1 
ATOM   370 C CB  . SER A 1 48 ? -4.530  3.700   9.151   1.00 27.65 ? 884 SER A CB  1 
ATOM   371 O OG  . SER A 1 48 ? -3.599  2.776   9.692   1.00 31.39 ? 884 SER A OG  1 
ATOM   372 N N   . GLY A 1 49 ? -5.846  4.850   6.265   1.00 25.89 ? 885 GLY A N   1 
ATOM   373 C CA  . GLY A 1 49 ? -6.782  5.756   5.607   1.00 25.63 ? 885 GLY A CA  1 
ATOM   374 C C   . GLY A 1 49 ? -6.274  6.374   4.311   1.00 25.40 ? 885 GLY A C   1 
ATOM   375 O O   . GLY A 1 49 ? -7.076  6.916   3.545   1.00 24.66 ? 885 GLY A O   1 
ATOM   376 N N   . ASP A 1 50 ? -4.959  6.315   4.062   1.00 24.95 ? 886 ASP A N   1 
ATOM   377 C CA  . ASP A 1 50 ? -4.397  6.741   2.771   1.00 25.50 ? 886 ASP A CA  1 
ATOM   378 C C   . ASP A 1 50 ? -5.043  5.896   1.677   1.00 26.17 ? 886 ASP A C   1 
ATOM   379 O O   . ASP A 1 50 ? -5.185  4.682   1.843   1.00 27.50 ? 886 ASP A O   1 
ATOM   380 C CB  . ASP A 1 50 ? -2.876  6.513   2.701   1.00 25.50 ? 886 ASP A CB  1 
ATOM   381 C CG  . ASP A 1 50 ? -2.065  7.539   3.472   1.00 26.76 ? 886 ASP A CG  1 
ATOM   382 O OD1 . ASP A 1 50 ? -2.601  8.593   3.884   1.00 31.09 ? 886 ASP A OD1 1 
ATOM   383 O OD2 . ASP A 1 50 ? -0.849  7.284   3.639   1.00 27.76 ? 886 ASP A OD2 1 
ATOM   384 N N   . GLU A 1 51 ? -5.436  6.517   0.570   1.00 27.69 ? 887 GLU A N   1 
ATOM   385 C CA  . GLU A 1 51 ? -5.986  5.755   -0.552  1.00 28.69 ? 887 GLU A CA  1 
ATOM   386 C C   . GLU A 1 51 ? -4.859  5.213   -1.436  1.00 27.93 ? 887 GLU A C   1 
ATOM   387 O O   . GLU A 1 51 ? -3.999  5.969   -1.888  1.00 27.75 ? 887 GLU A O   1 
ATOM   388 C CB  . GLU A 1 51 ? -6.957  6.589   -1.386  1.00 27.50 ? 887 GLU A CB  1 
ATOM   389 C CG  . GLU A 1 51 ? -7.665  5.751   -2.445  1.00 28.10 ? 887 GLU A CG  1 
ATOM   390 C CD  . GLU A 1 51 ? -8.605  6.537   -3.325  1.00 31.95 ? 887 GLU A CD  1 
ATOM   391 O OE1 . GLU A 1 51 ? -8.716  7.773   -3.157  1.00 35.73 ? 887 GLU A OE1 1 
ATOM   392 O OE2 . GLU A 1 51 ? -9.241  5.901   -4.194  1.00 34.60 ? 887 GLU A OE2 1 
ATOM   393 N N   . LEU A 1 52 ? -4.867  3.900   -1.658  1.00 28.41 ? 888 LEU A N   1 
ATOM   394 C CA  . LEU A 1 52 ? -3.923  3.253   -2.573  1.00 29.13 ? 888 LEU A CA  1 
ATOM   395 C C   . LEU A 1 52 ? -4.382  3.427   -4.030  1.00 30.87 ? 888 LEU A C   1 
ATOM   396 O O   . LEU A 1 52 ? -5.531  3.116   -4.377  1.00 29.59 ? 888 LEU A O   1 
ATOM   397 C CB  . LEU A 1 52 ? -3.788  1.761   -2.239  1.00 27.63 ? 888 LEU A CB  1 
ATOM   398 C CG  . LEU A 1 52 ? -2.694  0.998   -2.999  1.00 28.20 ? 888 LEU A CG  1 
ATOM   399 C CD1 . LEU A 1 52 ? -1.302  1.555   -2.681  1.00 23.18 ? 888 LEU A CD1 1 
ATOM   400 C CD2 . LEU A 1 52 ? -2.764  -0.503  -2.685  1.00 30.95 ? 888 LEU A CD2 1 
ATOM   401 N N   . ILE A 1 53 ? -3.484  3.935   -4.875  1.00 31.78 ? 889 ILE A N   1 
ATOM   402 C CA  . ILE A 1 53 ? -3.814  4.196   -6.279  1.00 33.44 ? 889 ILE A CA  1 
ATOM   403 C C   . ILE A 1 53 ? -2.941  3.405   -7.269  1.00 31.23 ? 889 ILE A C   1 
ATOM   404 O O   . ILE A 1 53 ? -3.406  3.073   -8.357  1.00 30.13 ? 889 ILE A O   1 
ATOM   405 C CB  . ILE A 1 53 ? -3.819  5.720   -6.607  1.00 35.19 ? 889 ILE A CB  1 
ATOM   406 C CG1 . ILE A 1 53 ? -2.408  6.303   -6.590  1.00 36.16 ? 889 ILE A CG1 1 
ATOM   407 C CG2 . ILE A 1 53 ? -4.765  6.478   -5.645  1.00 36.24 ? 889 ILE A CG2 1 
ATOM   408 C CD1 . ILE A 1 53 ? -2.373  7.797   -6.339  1.00 38.26 ? 889 ILE A CD1 1 
ATOM   409 N N   . SER A 1 54 ? -1.693  3.111   -6.897  1.00 30.49 ? 890 SER A N   1 
ATOM   410 C CA  . SER A 1 54 ? -0.847  2.200   -7.677  1.00 30.63 ? 890 SER A CA  1 
ATOM   411 C C   . SER A 1 54 ? 0.193   1.458   -6.814  1.00 29.57 ? 890 SER A C   1 
ATOM   412 O O   . SER A 1 54 ? 0.600   1.934   -5.747  1.00 27.79 ? 890 SER A O   1 
ATOM   413 C CB  . SER A 1 54 ? -0.154  2.949   -8.831  1.00 30.90 ? 890 SER A CB  1 
ATOM   414 O OG  . SER A 1 54 ? 0.983   3.654   -8.376  1.00 37.91 ? 890 SER A OG  1 
ATOM   415 N N   . VAL A 1 55 ? 0.595   0.278   -7.293  1.00 28.93 ? 891 VAL A N   1 
ATOM   416 C CA  . VAL A 1 55 ? 1.636   -0.544  -6.660  1.00 29.11 ? 891 VAL A CA  1 
ATOM   417 C C   . VAL A 1 55 ? 2.665   -0.900  -7.734  1.00 30.12 ? 891 VAL A C   1 
ATOM   418 O O   . VAL A 1 55 ? 2.310   -1.476  -8.774  1.00 28.28 ? 891 VAL A O   1 
ATOM   419 C CB  . VAL A 1 55 ? 1.059   -1.853  -6.052  1.00 30.03 ? 891 VAL A CB  1 
ATOM   420 C CG1 . VAL A 1 55 ? 2.186   -2.762  -5.508  1.00 28.47 ? 891 VAL A CG1 1 
ATOM   421 C CG2 . VAL A 1 55 ? 0.035   -1.540  -4.962  1.00 26.71 ? 891 VAL A CG2 1 
ATOM   422 N N   . ASP A 1 56 ? 3.925   -0.534  -7.486  1.00 29.54 ? 892 ASP A N   1 
ATOM   423 C CA  . ASP A 1 56 ? 5.027   -0.774  -8.427  1.00 29.62 ? 892 ASP A CA  1 
ATOM   424 C C   . ASP A 1 56 ? 4.705   -0.364  -9.873  1.00 29.83 ? 892 ASP A C   1 
ATOM   425 O O   . ASP A 1 56 ? 5.005   -1.093  -10.829 1.00 29.78 ? 892 ASP A O   1 
ATOM   426 C CB  . ASP A 1 56 ? 5.478   -2.240  -8.338  1.00 29.18 ? 892 ASP A CB  1 
ATOM   427 C CG  . ASP A 1 56 ? 6.173   -2.552  -7.024  1.00 27.24 ? 892 ASP A CG  1 
ATOM   428 O OD1 . ASP A 1 56 ? 6.745   -1.613  -6.427  1.00 24.81 ? 892 ASP A OD1 1 
ATOM   429 O OD2 . ASP A 1 56 ? 6.151   -3.724  -6.582  1.00 33.62 ? 892 ASP A OD2 1 
ATOM   430 N N   . GLY A 1 57 ? 4.080   0.805   -10.021 1.00 29.19 ? 893 GLY A N   1 
ATOM   431 C CA  . GLY A 1 57 ? 3.737   1.350   -11.335 1.00 29.10 ? 893 GLY A CA  1 
ATOM   432 C C   . GLY A 1 57 ? 2.414   0.890   -11.927 1.00 28.53 ? 893 GLY A C   1 
ATOM   433 O O   . GLY A 1 57 ? 1.942   1.476   -12.901 1.00 30.16 ? 893 GLY A O   1 
ATOM   434 N N   . THR A 1 58 ? 1.813   -0.149  -11.347 1.00 27.65 ? 894 THR A N   1 
ATOM   435 C CA  . THR A 1 58 ? 0.533   -0.676  -11.821 1.00 28.44 ? 894 THR A CA  1 
ATOM   436 C C   . THR A 1 58 ? -0.622  0.047   -11.118 1.00 29.37 ? 894 THR A C   1 
ATOM   437 O O   . THR A 1 58 ? -0.762  -0.055  -9.897  1.00 26.06 ? 894 THR A O   1 
ATOM   438 C CB  . THR A 1 58 ? 0.411   -2.204  -11.572 1.00 29.86 ? 894 THR A CB  1 
ATOM   439 O OG1 . THR A 1 58 ? 1.420   -2.902  -12.323 1.00 31.62 ? 894 THR A OG1 1 
ATOM   440 C CG2 . THR A 1 58 ? -0.970  -2.717  -11.986 1.00 26.83 ? 894 THR A CG2 1 
ATOM   441 N N   . PRO A 1 59 ? -1.453  0.787   -11.886 1.00 31.25 ? 895 PRO A N   1 
ATOM   442 C CA  . PRO A 1 59 ? -2.615  1.436   -11.269 1.00 30.54 ? 895 PRO A CA  1 
ATOM   443 C C   . PRO A 1 59 ? -3.602  0.416   -10.693 1.00 29.78 ? 895 PRO A C   1 
ATOM   444 O O   . PRO A 1 59 ? -3.906  -0.584  -11.345 1.00 28.51 ? 895 PRO A O   1 
ATOM   445 C CB  . PRO A 1 59 ? -3.259  2.207   -12.433 1.00 30.43 ? 895 PRO A CB  1 
ATOM   446 C CG  . PRO A 1 59 ? -2.236  2.270   -13.496 1.00 32.75 ? 895 PRO A CG  1 
ATOM   447 C CD  . PRO A 1 59 ? -1.377  1.062   -13.334 1.00 31.85 ? 895 PRO A CD  1 
ATOM   448 N N   . VAL A 1 60 ? -4.074  0.659   -9.473  1.00 31.05 ? 896 VAL A N   1 
ATOM   449 C CA  . VAL A 1 60 ? -5.098  -0.196  -8.859  1.00 32.01 ? 896 VAL A CA  1 
ATOM   450 C C   . VAL A 1 60 ? -6.432  0.552   -8.675  1.00 33.84 ? 896 VAL A C   1 
ATOM   451 O O   . VAL A 1 60 ? -7.395  -0.017  -8.149  1.00 32.10 ? 896 VAL A O   1 
ATOM   452 C CB  . VAL A 1 60 ? -4.603  -0.829  -7.528  1.00 31.25 ? 896 VAL A CB  1 
ATOM   453 C CG1 . VAL A 1 60 ? -3.376  -1.710  -7.789  1.00 28.34 ? 896 VAL A CG1 1 
ATOM   454 C CG2 . VAL A 1 60 ? -4.294  0.237   -6.481  1.00 28.00 ? 896 VAL A CG2 1 
ATOM   455 N N   . ILE A 1 61 ? -6.486  1.804   -9.145  1.00 35.83 ? 897 ILE A N   1 
ATOM   456 C CA  . ILE A 1 61 ? -7.713  2.614   -9.115  1.00 38.02 ? 897 ILE A CA  1 
ATOM   457 C C   . ILE A 1 61 ? -8.830  1.918   -9.893  1.00 37.37 ? 897 ILE A C   1 
ATOM   458 O O   . ILE A 1 61 ? -8.662  1.574   -11.069 1.00 35.78 ? 897 ILE A O   1 
ATOM   459 C CB  . ILE A 1 61 ? -7.503  4.032   -9.728  1.00 38.92 ? 897 ILE A CB  1 
ATOM   460 C CG1 . ILE A 1 61 ? -6.548  4.872   -8.874  1.00 40.41 ? 897 ILE A CG1 1 
ATOM   461 C CG2 . ILE A 1 61 ? -8.839  4.762   -9.857  1.00 41.04 ? 897 ILE A CG2 1 
ATOM   462 C CD1 . ILE A 1 61 ? -6.211  6.233   -9.490  1.00 39.55 ? 897 ILE A CD1 1 
ATOM   463 N N   . GLY A 1 62 ? -9.958  1.695   -9.219  1.00 38.19 ? 898 GLY A N   1 
ATOM   464 C CA  . GLY A 1 62 ? -11.119 1.045   -9.823  1.00 37.35 ? 898 GLY A CA  1 
ATOM   465 C C   . GLY A 1 62 ? -11.004 -0.464  -9.972  1.00 36.51 ? 898 GLY A C   1 
ATOM   466 O O   . GLY A 1 62 ? -11.929 -1.107  -10.468 1.00 35.19 ? 898 GLY A O   1 
ATOM   467 N N   . LYS A 1 63 ? -9.884  -1.033  -9.525  1.00 36.57 ? 899 LYS A N   1 
ATOM   468 C CA  . LYS A 1 63 ? -9.623  -2.467  -9.658  1.00 36.54 ? 899 LYS A CA  1 
ATOM   469 C C   . LYS A 1 63 ? -9.970  -3.245  -8.387  1.00 36.71 ? 899 LYS A C   1 
ATOM   470 O O   . LYS A 1 63 ? -10.203 -2.660  -7.318  1.00 35.97 ? 899 LYS A O   1 
ATOM   471 C CB  . LYS A 1 63 ? -8.146  -2.691  -10.007 1.00 37.70 ? 899 LYS A CB  1 
ATOM   472 C CG  . LYS A 1 63 ? -7.707  -2.042  -11.313 1.00 39.20 ? 899 LYS A CG  1 
ATOM   473 C CD  . LYS A 1 63 ? -8.458  -2.640  -12.498 1.00 41.75 ? 899 LYS A CD  1 
ATOM   474 C CE  . LYS A 1 63 ? -7.789  -2.299  -13.811 1.00 45.06 ? 899 LYS A CE  1 
ATOM   475 N NZ  . LYS A 1 63 ? -7.689  -0.826  -14.005 1.00 51.08 ? 899 LYS A NZ  1 
ATOM   476 N N   . SER A 1 64 ? -10.001 -4.570  -8.520  1.00 36.38 ? 900 SER A N   1 
ATOM   477 C CA  . SER A 1 64 ? -10.173 -5.480  -7.374  1.00 37.32 ? 900 SER A CA  1 
ATOM   478 C C   . SER A 1 64 ? -8.940  -5.493  -6.456  1.00 36.89 ? 900 SER A C   1 
ATOM   479 O O   . SER A 1 64 ? -7.806  -5.272  -6.910  1.00 35.37 ? 900 SER A O   1 
ATOM   480 C CB  . SER A 1 64 ? -10.438 -6.912  -7.868  1.00 36.99 ? 900 SER A CB  1 
ATOM   481 O OG  . SER A 1 64 ? -10.369 -7.856  -6.807  1.00 36.94 ? 900 SER A OG  1 
ATOM   482 N N   . HIS A 1 65 ? -9.167  -5.790  -5.175  1.00 35.78 ? 901 HIS A N   1 
ATOM   483 C CA  . HIS A 1 65 ? -8.074  -6.068  -4.235  1.00 36.46 ? 901 HIS A CA  1 
ATOM   484 C C   . HIS A 1 65 ? -7.242  -7.283  -4.681  1.00 35.93 ? 901 HIS A C   1 
ATOM   485 O O   . HIS A 1 65 ? -6.092  -7.432  -4.267  1.00 34.77 ? 901 HIS A O   1 
ATOM   486 C CB  . HIS A 1 65 ? -8.606  -6.287  -2.807  1.00 36.99 ? 901 HIS A CB  1 
ATOM   487 C CG  . HIS A 1 65 ? -9.236  -7.630  -2.585  1.00 39.71 ? 901 HIS A CG  1 
ATOM   488 N ND1 . HIS A 1 65 ? -8.609  -8.639  -1.883  1.00 41.09 ? 901 HIS A ND1 1 
ATOM   489 C CD2 . HIS A 1 65 ? -10.442 -8.125  -2.957  1.00 42.39 ? 901 HIS A CD2 1 
ATOM   490 C CE1 . HIS A 1 65 ? -9.397  -9.699  -1.842  1.00 43.60 ? 901 HIS A CE1 1 
ATOM   491 N NE2 . HIS A 1 65 ? -10.516 -9.413  -2.483  1.00 42.99 ? 901 HIS A NE2 1 
ATOM   492 N N   . GLN A 1 66 ? -7.829  -8.137  -5.524  1.00 35.14 ? 902 GLN A N   1 
ATOM   493 C CA  . GLN A 1 66 ? -7.136  -9.307  -6.076  1.00 37.58 ? 902 GLN A CA  1 
ATOM   494 C C   . GLN A 1 66 ? -5.915  -8.936  -6.929  1.00 35.65 ? 902 GLN A C   1 
ATOM   495 O O   . GLN A 1 66 ? -4.953  -9.709  -7.024  1.00 35.90 ? 902 GLN A O   1 
ATOM   496 C CB  . GLN A 1 66 ? -8.104  -10.142 -6.914  1.00 36.90 ? 902 GLN A CB  1 
ATOM   497 C CG  . GLN A 1 66 ? -9.236  -10.799 -6.109  1.00 42.50 ? 902 GLN A CG  1 
ATOM   498 C CD  . GLN A 1 66 ? -10.275 -11.488 -6.997  1.00 44.07 ? 902 GLN A CD  1 
ATOM   499 O OE1 . GLN A 1 66 ? -10.590 -11.017 -8.096  1.00 53.92 ? 902 GLN A OE1 1 
ATOM   500 N NE2 . GLN A 1 66 ? -10.820 -12.609 -6.514  1.00 52.45 ? 902 GLN A NE2 1 
ATOM   501 N N   . LEU A 1 67 ? -5.971  -7.768  -7.569  1.00 33.27 ? 903 LEU A N   1 
ATOM   502 C CA  . LEU A 1 67 ? -4.840  -7.256  -8.327  1.00 31.81 ? 903 LEU A CA  1 
ATOM   503 C C   . LEU A 1 67 ? -3.751  -6.855  -7.349  1.00 30.78 ? 903 LEU A C   1 
ATOM   504 O O   . LEU A 1 67 ? -2.577  -7.143  -7.579  1.00 28.77 ? 903 LEU A O   1 
ATOM   505 C CB  . LEU A 1 67 ? -5.250  -6.064  -9.204  1.00 32.87 ? 903 LEU A CB  1 
ATOM   506 C CG  . LEU A 1 67 ? -4.135  -5.366  -10.003 1.00 31.76 ? 903 LEU A CG  1 
ATOM   507 C CD1 . LEU A 1 67 ? -3.308  -6.368  -10.805 1.00 29.37 ? 903 LEU A CD1 1 
ATOM   508 C CD2 . LEU A 1 67 ? -4.724  -4.303  -10.916 1.00 31.53 ? 903 LEU A CD2 1 
ATOM   509 N N   . VAL A 1 68 ? -4.151  -6.207  -6.251  1.00 31.15 ? 904 VAL A N   1 
ATOM   510 C CA  . VAL A 1 68 ? -3.213  -5.830  -5.192  1.00 31.62 ? 904 VAL A CA  1 
ATOM   511 C C   . VAL A 1 68 ? -2.590  -7.078  -4.547  1.00 30.39 ? 904 VAL A C   1 
ATOM   512 O O   . VAL A 1 68 ? -1.390  -7.084  -4.252  1.00 30.68 ? 904 VAL A O   1 
ATOM   513 C CB  . VAL A 1 68 ? -3.873  -4.925  -4.102  1.00 31.73 ? 904 VAL A CB  1 
ATOM   514 C CG1 . VAL A 1 68 ? -2.850  -4.537  -3.028  1.00 33.60 ? 904 VAL A CG1 1 
ATOM   515 C CG2 . VAL A 1 68 ? -4.476  -3.673  -4.724  1.00 29.03 ? 904 VAL A CG2 1 
ATOM   516 N N   . VAL A 1 69 ? -3.398  -8.125  -4.342  1.00 30.47 ? 905 VAL A N   1 
ATOM   517 C CA  . VAL A 1 69 ? -2.892  -9.426  -3.854  1.00 29.98 ? 905 VAL A CA  1 
ATOM   518 C C   . VAL A 1 69 ? -1.737  -9.912  -4.740  1.00 29.09 ? 905 VAL A C   1 
ATOM   519 O O   . VAL A 1 69 ? -0.675  -10.281 -4.238  1.00 26.81 ? 905 VAL A O   1 
ATOM   520 C CB  . VAL A 1 69 ? -4.004  -10.513 -3.815  1.00 30.85 ? 905 VAL A CB  1 
ATOM   521 C CG1 . VAL A 1 69 ? -3.419  -11.894 -3.469  1.00 29.31 ? 905 VAL A CG1 1 
ATOM   522 C CG2 . VAL A 1 69 ? -5.105  -10.135 -2.826  1.00 29.70 ? 905 VAL A CG2 1 
ATOM   523 N N   . GLN A 1 70 ? -1.963  -9.887  -6.057  1.00 28.47 ? 906 GLN A N   1 
ATOM   524 C CA  . GLN A 1 70 ? -0.948  -10.261 -7.049  1.00 28.55 ? 906 GLN A CA  1 
ATOM   525 C C   . GLN A 1 70 ? 0.284   -9.367  -6.991  1.00 26.97 ? 906 GLN A C   1 
ATOM   526 O O   . GLN A 1 70 ? 1.419   -9.850  -7.029  1.00 25.39 ? 906 GLN A O   1 
ATOM   527 C CB  . GLN A 1 70 ? -1.539  -10.206 -8.467  1.00 28.92 ? 906 GLN A CB  1 
ATOM   528 C CG  . GLN A 1 70 ? -2.571  -11.288 -8.755  1.00 37.08 ? 906 GLN A CG  1 
ATOM   529 C CD  . GLN A 1 70 ? -1.965  -12.680 -8.833  1.00 45.93 ? 906 GLN A CD  1 
ATOM   530 O OE1 . GLN A 1 70 ? -0.821  -12.853 -9.270  1.00 49.54 ? 906 GLN A OE1 1 
ATOM   531 N NE2 . GLN A 1 70 ? -2.731  -13.684 -8.408  1.00 46.11 ? 906 GLN A NE2 1 
ATOM   532 N N   . LEU A 1 71 ? 0.051   -8.056  -6.916  1.00 26.93 ? 907 LEU A N   1 
ATOM   533 C CA  . LEU A 1 71 ? 1.137   -7.073  -6.879  1.00 27.05 ? 907 LEU A CA  1 
ATOM   534 C C   . LEU A 1 71 ? 1.972   -7.189  -5.595  1.00 27.78 ? 907 LEU A C   1 
ATOM   535 O O   . LEU A 1 71 ? 3.206   -7.094  -5.633  1.00 28.24 ? 907 LEU A O   1 
ATOM   536 C CB  . LEU A 1 71 ? 0.578   -5.649  -7.059  1.00 26.53 ? 907 LEU A CB  1 
ATOM   537 C CG  . LEU A 1 71 ? 0.028   -5.357  -8.467  1.00 25.13 ? 907 LEU A CG  1 
ATOM   538 C CD1 . LEU A 1 71 ? -0.943  -4.158  -8.470  1.00 22.25 ? 907 LEU A CD1 1 
ATOM   539 C CD2 . LEU A 1 71 ? 1.178   -5.152  -9.465  1.00 19.67 ? 907 LEU A CD2 1 
ATOM   540 N N   . MET A 1 72 ? 1.304   -7.419  -4.467  1.00 28.81 ? 908 MET A N   1 
ATOM   541 C CA  . MET A 1 72 ? 2.001   -7.553  -3.185  1.00 29.49 ? 908 MET A CA  1 
ATOM   542 C C   . MET A 1 72 ? 2.670   -8.920  -3.047  1.00 28.29 ? 908 MET A C   1 
ATOM   543 O O   . MET A 1 72 ? 3.643   -9.056  -2.304  1.00 28.62 ? 908 MET A O   1 
ATOM   544 C CB  . MET A 1 72 ? 1.047   -7.301  -2.009  1.00 29.60 ? 908 MET A CB  1 
ATOM   545 C CG  . MET A 1 72 ? 0.566   -5.855  -1.889  1.00 31.87 ? 908 MET A CG  1 
ATOM   546 S SD  . MET A 1 72 ? 1.928   -4.666  -1.895  1.00 35.12 ? 908 MET A SD  1 
ATOM   547 C CE  . MET A 1 72 ? 2.914   -5.234  -0.494  1.00 32.13 ? 908 MET A CE  1 
ATOM   548 N N   . GLN A 1 73 ? 2.146   -9.925  -3.750  1.00 27.78 ? 909 GLN A N   1 
ATOM   549 C CA  . GLN A 1 73 ? 2.805   -11.231 -3.822  1.00 28.68 ? 909 GLN A CA  1 
ATOM   550 C C   . GLN A 1 73 ? 4.180   -11.052 -4.476  1.00 29.16 ? 909 GLN A C   1 
ATOM   551 O O   . GLN A 1 73 ? 5.189   -11.592 -4.001  1.00 28.16 ? 909 GLN A O   1 
ATOM   552 C CB  . GLN A 1 73 ? 1.945   -12.227 -4.618  1.00 27.96 ? 909 GLN A CB  1 
ATOM   553 C CG  . GLN A 1 73 ? 2.525   -13.653 -4.730  1.00 29.42 ? 909 GLN A CG  1 
ATOM   554 C CD  . GLN A 1 73 ? 2.336   -14.488 -3.475  1.00 26.12 ? 909 GLN A CD  1 
ATOM   555 O OE1 . GLN A 1 73 ? 1.787   -14.021 -2.478  1.00 24.93 ? 909 GLN A OE1 1 
ATOM   556 N NE2 . GLN A 1 73 ? 2.791   -15.738 -3.520  1.00 25.62 ? 909 GLN A NE2 1 
ATOM   557 N N   . GLN A 1 74 ? 4.212   -10.274 -5.557  1.00 29.31 ? 910 GLN A N   1 
ATOM   558 C CA  . GLN A 1 74 ? 5.464   -9.959  -6.238  1.00 29.58 ? 910 GLN A CA  1 
ATOM   559 C C   . GLN A 1 74 ? 6.359   -9.037  -5.398  1.00 29.84 ? 910 GLN A C   1 
ATOM   560 O O   . GLN A 1 74 ? 7.582   -9.202  -5.392  1.00 26.96 ? 910 GLN A O   1 
ATOM   561 C CB  . GLN A 1 74 ? 5.197   -9.319  -7.603  1.00 31.26 ? 910 GLN A CB  1 
ATOM   562 C CG  . GLN A 1 74 ? 6.474   -8.912  -8.336  1.00 33.69 ? 910 GLN A CG  1 
ATOM   563 C CD  . GLN A 1 74 ? 7.479   -10.061 -8.429  1.00 39.14 ? 910 GLN A CD  1 
ATOM   564 O OE1 . GLN A 1 74 ? 7.105   -11.205 -8.719  1.00 40.68 ? 910 GLN A OE1 1 
ATOM   565 N NE2 . GLN A 1 74 ? 8.751   -9.765  -8.166  1.00 32.03 ? 910 GLN A NE2 1 
ATOM   566 N N   . ALA A 1 75 ? 5.747   -8.070  -4.710  1.00 29.13 ? 911 ALA A N   1 
ATOM   567 C CA  . ALA A 1 75 ? 6.475   -7.164  -3.813  1.00 28.89 ? 911 ALA A CA  1 
ATOM   568 C C   . ALA A 1 75 ? 7.197   -7.936  -2.699  1.00 29.79 ? 911 ALA A C   1 
ATOM   569 O O   . ALA A 1 75 ? 8.341   -7.615  -2.351  1.00 28.18 ? 911 ALA A O   1 
ATOM   570 C CB  . ALA A 1 75 ? 5.526   -6.121  -3.222  1.00 28.42 ? 911 ALA A CB  1 
ATOM   571 N N   . ALA A 1 76 ? 6.532   -8.959  -2.154  1.00 28.55 ? 912 ALA A N   1 
ATOM   572 C CA  . ALA A 1 76 ? 7.158   -9.857  -1.183  1.00 28.56 ? 912 ALA A CA  1 
ATOM   573 C C   . ALA A 1 76 ? 8.371   -10.568 -1.792  1.00 28.00 ? 912 ALA A C   1 
ATOM   574 O O   . ALA A 1 76 ? 9.463   -10.580 -1.206  1.00 26.48 ? 912 ALA A O   1 
ATOM   575 C CB  . ALA A 1 76 ? 6.138   -10.880 -0.660  1.00 27.78 ? 912 ALA A CB  1 
ATOM   576 N N   . LYS A 1 77 ? 8.168   -11.128 -2.984  1.00 28.41 ? 913 LYS A N   1 
ATOM   577 C CA  . LYS A 1 77 ? 9.195   -11.895 -3.694  1.00 29.39 ? 913 LYS A CA  1 
ATOM   578 C C   . LYS A 1 77 ? 10.452  -11.078 -3.985  1.00 27.87 ? 913 LYS A C   1 
ATOM   579 O O   . LYS A 1 77 ? 11.560  -11.566 -3.790  1.00 27.63 ? 913 LYS A O   1 
ATOM   580 C CB  . LYS A 1 77 ? 8.632   -12.461 -5.008  1.00 29.37 ? 913 LYS A CB  1 
ATOM   581 C CG  . LYS A 1 77 ? 9.643   -13.260 -5.835  1.00 34.56 ? 913 LYS A CG  1 
ATOM   582 N N   . GLN A 1 78 ? 10.274  -9.848  -4.462  1.00 26.81 ? 914 GLN A N   1 
ATOM   583 C CA  . GLN A 1 78 ? 11.414  -8.971  -4.774  1.00 26.25 ? 914 GLN A CA  1 
ATOM   584 C C   . GLN A 1 78 ? 11.983  -8.276  -3.527  1.00 25.37 ? 914 GLN A C   1 
ATOM   585 O O   . GLN A 1 78 ? 13.095  -7.769  -3.572  1.00 25.67 ? 914 GLN A O   1 
ATOM   586 C CB  . GLN A 1 78 ? 11.030  -7.937  -5.837  1.00 25.35 ? 914 GLN A CB  1 
ATOM   587 C CG  . GLN A 1 78 ? 10.073  -6.860  -5.347  1.00 26.40 ? 914 GLN A CG  1 
ATOM   588 C CD  . GLN A 1 78 ? 9.227   -6.258  -6.452  1.00 29.90 ? 914 GLN A CD  1 
ATOM   589 O OE1 . GLN A 1 78 ? 9.219   -6.748  -7.590  1.00 25.81 ? 914 GLN A OE1 1 
ATOM   590 N NE2 . GLN A 1 78 ? 8.490   -5.195  -6.116  1.00 25.51 ? 914 GLN A NE2 1 
ATOM   591 N N   . GLY A 1 79 ? 11.223  -8.252  -2.430  1.00 25.27 ? 915 GLY A N   1 
ATOM   592 C CA  . GLY A 1 79 ? 11.706  -7.677  -1.168  1.00 26.26 ? 915 GLY A CA  1 
ATOM   593 C C   . GLY A 1 79 ? 11.644  -6.153  -1.114  1.00 26.12 ? 915 GLY A C   1 
ATOM   594 O O   . GLY A 1 79 ? 12.355  -5.516  -0.319  1.00 24.92 ? 915 GLY A O   1 
ATOM   595 N N   . HIS A 1 80 ? 10.781  -5.572  -1.945  1.00 27.62 ? 916 HIS A N   1 
ATOM   596 C CA  . HIS A 1 80 ? 10.512  -4.132  -1.919  1.00 26.84 ? 916 HIS A CA  1 
ATOM   597 C C   . HIS A 1 80 ? 9.199   -3.793  -2.625  1.00 26.36 ? 916 HIS A C   1 
ATOM   598 O O   . HIS A 1 80 ? 8.634   -4.615  -3.355  1.00 24.97 ? 916 HIS A O   1 
ATOM   599 C CB  . HIS A 1 80 ? 11.664  -3.339  -2.551  1.00 27.52 ? 916 HIS A CB  1 
ATOM   600 C CG  . HIS A 1 80 ? 11.971  -3.739  -3.961  1.00 29.29 ? 916 HIS A CG  1 
ATOM   601 N ND1 . HIS A 1 80 ? 11.237  -3.289  -5.040  1.00 28.75 ? 916 HIS A ND1 1 
ATOM   602 C CD2 . HIS A 1 80 ? 12.932  -4.547  -4.469  1.00 31.10 ? 916 HIS A CD2 1 
ATOM   603 C CE1 . HIS A 1 80 ? 11.732  -3.806  -6.150  1.00 29.98 ? 916 HIS A CE1 1 
ATOM   604 N NE2 . HIS A 1 80 ? 12.761  -4.574  -5.832  1.00 25.62 ? 916 HIS A NE2 1 
ATOM   605 N N   . VAL A 1 81 ? 8.724   -2.573  -2.388  1.00 26.42 ? 917 VAL A N   1 
ATOM   606 C CA  . VAL A 1 81 ? 7.493   -2.089  -3.000  1.00 25.70 ? 917 VAL A CA  1 
ATOM   607 C C   . VAL A 1 81 ? 7.528   -0.565  -3.104  1.00 25.67 ? 917 VAL A C   1 
ATOM   608 O O   . VAL A 1 81 ? 8.142   0.115   -2.268  1.00 25.69 ? 917 VAL A O   1 
ATOM   609 C CB  . VAL A 1 81 ? 6.245   -2.555  -2.194  1.00 26.82 ? 917 VAL A CB  1 
ATOM   610 C CG1 . VAL A 1 81 ? 6.070   -1.721  -0.903  1.00 26.15 ? 917 VAL A CG1 1 
ATOM   611 C CG2 . VAL A 1 81 ? 4.985   -2.509  -3.064  1.00 22.73 ? 917 VAL A CG2 1 
ATOM   612 N N   . ASN A 1 82 ? 6.882   -0.048  -4.145  1.00 23.83 ? 918 ASN A N   1 
ATOM   613 C CA  . ASN A 1 82 ? 6.712   1.379   -4.332  1.00 25.14 ? 918 ASN A CA  1 
ATOM   614 C C   . ASN A 1 82 ? 5.226   1.689   -4.447  1.00 25.22 ? 918 ASN A C   1 
ATOM   615 O O   . ASN A 1 82 ? 4.589   1.370   -5.453  1.00 24.17 ? 918 ASN A O   1 
ATOM   616 C CB  . ASN A 1 82 ? 7.462   1.870   -5.570  1.00 25.28 ? 918 ASN A CB  1 
ATOM   617 C CG  . ASN A 1 82 ? 7.459   3.390   -5.685  1.00 28.97 ? 918 ASN A CG  1 
ATOM   618 O OD1 . ASN A 1 82 ? 7.630   4.103   -4.691  1.00 29.43 ? 918 ASN A OD1 1 
ATOM   619 N ND2 . ASN A 1 82 ? 7.251   3.890   -6.895  1.00 33.72 ? 918 ASN A ND2 1 
ATOM   620 N N   . LEU A 1 83 ? 4.688   2.292   -3.391  1.00 26.45 ? 919 LEU A N   1 
ATOM   621 C CA  . LEU A 1 83 ? 3.266   2.595   -3.276  1.00 27.90 ? 919 LEU A CA  1 
ATOM   622 C C   . LEU A 1 83 ? 3.007   4.043   -3.668  1.00 29.02 ? 919 LEU A C   1 
ATOM   623 O O   . LEU A 1 83 ? 3.668   4.950   -3.157  1.00 29.49 ? 919 LEU A O   1 
ATOM   624 C CB  . LEU A 1 83 ? 2.806   2.382   -1.829  1.00 26.60 ? 919 LEU A CB  1 
ATOM   625 C CG  . LEU A 1 83 ? 3.071   1.010   -1.199  1.00 27.49 ? 919 LEU A CG  1 
ATOM   626 C CD1 . LEU A 1 83 ? 2.813   1.064   0.306   1.00 26.76 ? 919 LEU A CD1 1 
ATOM   627 C CD2 . LEU A 1 83 ? 2.221   -0.070  -1.868  1.00 27.44 ? 919 LEU A CD2 1 
ATOM   628 N N   . THR A 1 84 ? 2.056   4.254   -4.575  1.00 29.64 ? 920 THR A N   1 
ATOM   629 C CA  . THR A 1 84 ? 1.501   5.587   -4.805  1.00 29.67 ? 920 THR A CA  1 
ATOM   630 C C   . THR A 1 84 ? 0.219   5.673   -3.993  1.00 28.64 ? 920 THR A C   1 
ATOM   631 O O   . THR A 1 84 ? -0.698  4.861   -4.170  1.00 27.08 ? 920 THR A O   1 
ATOM   632 C CB  . THR A 1 84 ? 1.215   5.866   -6.292  1.00 30.37 ? 920 THR A CB  1 
ATOM   633 O OG1 . THR A 1 84 ? 2.373   5.527   -7.061  1.00 31.10 ? 920 THR A OG1 1 
ATOM   634 C CG2 . THR A 1 84 ? 0.866   7.336   -6.516  1.00 28.64 ? 920 THR A CG2 1 
ATOM   635 N N   . VAL A 1 85 ? 0.183   6.640   -3.079  1.00 27.27 ? 921 VAL A N   1 
ATOM   636 C CA  . VAL A 1 85 ? -0.977  6.859   -2.225  1.00 28.33 ? 921 VAL A CA  1 
ATOM   637 C C   . VAL A 1 85 ? -1.410  8.323   -2.277  1.00 27.93 ? 921 VAL A C   1 
ATOM   638 O O   . VAL A 1 85 ? -0.596  9.207   -2.552  1.00 25.45 ? 921 VAL A O   1 
ATOM   639 C CB  . VAL A 1 85 ? -0.705  6.437   -0.740  1.00 27.75 ? 921 VAL A CB  1 
ATOM   640 C CG1 . VAL A 1 85 ? -0.770  4.923   -0.589  1.00 29.26 ? 921 VAL A CG1 1 
ATOM   641 C CG2 . VAL A 1 85 ? 0.650   6.989   -0.233  1.00 27.98 ? 921 VAL A CG2 1 
ATOM   642 N N   . ARG A 1 86 ? -2.700  8.562   -2.042  1.00 28.39 ? 922 ARG A N   1 
ATOM   643 C CA  . ARG A 1 86 ? -3.197  9.912   -1.763  1.00 29.99 ? 922 ARG A CA  1 
ATOM   644 C C   . ARG A 1 86 ? -3.112  10.122  -0.262  1.00 29.84 ? 922 ARG A C   1 
ATOM   645 O O   . ARG A 1 86 ? -3.668  9.335   0.514   1.00 29.77 ? 922 ARG A O   1 
ATOM   646 C CB  . ARG A 1 86 ? -4.641  10.094  -2.228  1.00 31.04 ? 922 ARG A CB  1 
ATOM   647 C CG  . ARG A 1 86 ? -4.826  10.018  -3.736  1.00 41.49 ? 922 ARG A CG  1 
ATOM   648 C CD  . ARG A 1 86 ? -6.132  10.693  -4.175  1.00 52.79 ? 922 ARG A CD  1 
ATOM   649 N NE  . ARG A 1 86 ? -6.064  12.158  -4.076  1.00 58.70 ? 922 ARG A NE  1 
ATOM   650 C CZ  . ARG A 1 86 ? -5.470  12.958  -4.967  1.00 59.83 ? 922 ARG A CZ  1 
ATOM   651 N NH1 . ARG A 1 86 ? -4.888  12.463  -6.056  1.00 62.30 ? 922 ARG A NH1 1 
ATOM   652 N NH2 . ARG A 1 86 ? -5.467  14.274  -4.776  1.00 58.33 ? 922 ARG A NH2 1 
ATOM   653 N N   . GLN A 1 87 ? -2.414  11.179  0.145   1.00 29.34 ? 923 GLN A N   1 
ATOM   654 C CA  . GLN A 1 87 ? -2.129  11.425  1.555   1.00 30.11 ? 923 GLN A CA  1 
ATOM   655 C C   . GLN A 1 87 ? -2.627  12.781  2.030   1.00 29.60 ? 923 GLN A C   1 
ATOM   656 O O   . GLN A 1 87 ? -2.582  13.764  1.297   1.00 31.50 ? 923 GLN A O   1 
ATOM   657 C CB  . GLN A 1 87 ? -0.628  11.353  1.801   1.00 28.75 ? 923 GLN A CB  1 
ATOM   658 C CG  . GLN A 1 87 ? -0.034  9.995   1.527   1.00 31.98 ? 923 GLN A CG  1 
ATOM   659 C CD  . GLN A 1 87 ? 1.303   9.833   2.204   1.00 31.39 ? 923 GLN A CD  1 
ATOM   660 O OE1 . GLN A 1 87 ? 2.281   10.475  1.820   1.00 34.99 ? 923 GLN A OE1 1 
ATOM   661 N NE2 . GLN A 1 87 ? 1.350   8.989   3.230   1.00 27.47 ? 923 GLN A NE2 1 
ATOM   662 N N   . THR A 1 88 ? -3.061  12.818  3.283   1.00 29.14 ? 924 THR A N   1 
ATOM   663 C CA  . THR A 1 88 ? -3.524  14.043  3.919   1.00 28.68 ? 924 THR A CA  1 
ATOM   664 C C   . THR A 1 88 ? -2.338  14.969  4.175   1.00 27.46 ? 924 THR A C   1 
ATOM   665 O O   . THR A 1 88 ? -1.284  14.522  4.640   1.00 27.51 ? 924 THR A O   1 
ATOM   666 C CB  . THR A 1 88 ? -4.232  13.707  5.248   1.00 29.08 ? 924 THR A CB  1 
ATOM   667 O OG1 . THR A 1 88 ? -5.266  12.749  4.990   1.00 28.08 ? 924 THR A OG1 1 
ATOM   668 C CG2 . THR A 1 88 ? -4.830  14.955  5.911   1.00 28.03 ? 924 THR A CG2 1 
ATOM   669 N N   . ARG A 1 89 ? -2.507  16.248  3.843   1.00 24.89 ? 925 ARG A N   1 
ATOM   670 C CA  . ARG A 1 89 ? -1.523  17.277  4.183   1.00 25.33 ? 925 ARG A CA  1 
ATOM   671 C C   . ARG A 1 89 ? -1.566  17.534  5.691   1.00 24.97 ? 925 ARG A C   1 
ATOM   672 O O   . ARG A 1 89 ? -2.623  17.856  6.240   1.00 24.17 ? 925 ARG A O   1 
ATOM   673 C CB  . ARG A 1 89 ? -1.794  18.573  3.412   1.00 24.39 ? 925 ARG A CB  1 
ATOM   674 C CG  . ARG A 1 89 ? -1.553  18.474  1.906   1.00 24.12 ? 925 ARG A CG  1 
ATOM   675 C CD  . ARG A 1 89 ? -1.761  19.822  1.247   1.00 26.06 ? 925 ARG A CD  1 
ATOM   676 N NE  . ARG A 1 89 ? -1.651  19.781  -0.210  1.00 27.64 ? 925 ARG A NE  1 
ATOM   677 C CZ  . ARG A 1 89 ? -2.615  19.373  -1.033  1.00 28.01 ? 925 ARG A CZ  1 
ATOM   678 N NH1 . ARG A 1 89 ? -3.766  18.906  -0.565  1.00 29.34 ? 925 ARG A NH1 1 
ATOM   679 N NH2 . ARG A 1 89 ? -2.413  19.413  -2.346  1.00 27.87 ? 925 ARG A NH2 1 
ATOM   680 N N   . LEU A 1 90 ? -0.419  17.380  6.352   1.00 24.34 ? 926 LEU A N   1 
ATOM   681 C CA  . LEU A 1 90 ? -0.349  17.446  7.815   1.00 24.37 ? 926 LEU A CA  1 
ATOM   682 C C   . LEU A 1 90 ? 0.326   18.735  8.294   1.00 23.87 ? 926 LEU A C   1 
ATOM   683 O O   . LEU A 1 90 ? 0.223   19.118  9.467   1.00 21.23 ? 926 LEU A O   1 
ATOM   684 C CB  . LEU A 1 90 ? 0.388   16.218  8.362   1.00 24.99 ? 926 LEU A CB  1 
ATOM   685 C CG  . LEU A 1 90 ? -0.221  14.841  8.031   1.00 27.02 ? 926 LEU A CG  1 
ATOM   686 C CD1 . LEU A 1 90 ? 0.688   13.724  8.527   1.00 32.55 ? 926 LEU A CD1 1 
ATOM   687 C CD2 . LEU A 1 90 ? -1.629  14.690  8.603   1.00 29.92 ? 926 LEU A CD2 1 
ATOM   688 O OXT . LEU A 1 90 ? 0.990   19.429  7.523   1.00 21.78 ? 926 LEU A OXT 1 
HETATM 689 O O   A HOH B 2 .  ? -7.545  -5.151  6.560   0.50 13.78 ? 1   HOH A O   1 
HETATM 690 O O   B HOH B 2 .  ? -6.459  -5.476  10.397  0.50 23.87 ? 1   HOH A O   1 
HETATM 691 O O   . HOH B 2 .  ? -4.984  19.883  2.489   1.00 30.49 ? 2   HOH A O   1 
HETATM 692 O O   A HOH B 2 .  ? -5.126  9.113   6.303   0.50 25.99 ? 3   HOH A O   1 
HETATM 693 O O   B HOH B 2 .  ? -4.746  10.015  4.302   0.50 17.26 ? 3   HOH A O   1 
HETATM 694 O O   . HOH B 2 .  ? 3.435   2.695   -7.761  1.00 27.25 ? 4   HOH A O   1 
HETATM 695 O O   A HOH B 2 .  ? -4.890  -6.821  3.908   0.50 14.26 ? 5   HOH A O   1 
HETATM 696 O O   B HOH B 2 .  ? -2.595  -7.590  3.866   0.50 21.06 ? 5   HOH A O   1 
HETATM 697 O O   . HOH B 2 .  ? 2.008   16.818  5.020   1.00 29.82 ? 6   HOH A O   1 
HETATM 698 O O   . HOH B 2 .  ? 5.054   -9.242  2.592   1.00 25.36 ? 7   HOH A O   1 
HETATM 699 O O   . HOH B 2 .  ? -9.694  -5.602  0.897   1.00 36.15 ? 8   HOH A O   1 
HETATM 700 O O   . HOH B 2 .  ? 2.499   10.878  6.554   1.00 35.51 ? 9   HOH A O   1 
HETATM 701 O O   . HOH B 2 .  ? 9.483   5.998   -4.926  1.00 33.08 ? 10  HOH A O   1 
HETATM 702 O O   . HOH B 2 .  ? 6.799   -5.184  13.803  1.00 29.99 ? 11  HOH A O   1 
HETATM 703 O O   . HOH B 2 .  ? -18.910 -2.629  -8.314  1.00 39.75 ? 12  HOH A O   1 
HETATM 704 O O   . HOH B 2 .  ? 9.416   -1.482  -5.872  1.00 27.97 ? 13  HOH A O   1 
HETATM 705 O O   . HOH B 2 .  ? 4.807   -5.738  -9.978  1.00 27.88 ? 14  HOH A O   1 
HETATM 706 O O   . HOH B 2 .  ? -0.328  -11.213 -1.516  1.00 30.17 ? 15  HOH A O   1 
HETATM 707 O O   . HOH B 2 .  ? -1.614  5.689   10.409  1.00 32.57 ? 16  HOH A O   1 
HETATM 708 O O   . HOH B 2 .  ? -11.636 -0.537  -6.788  1.00 30.74 ? 17  HOH A O   1 
HETATM 709 O O   . HOH B 2 .  ? 5.728   4.355   5.507   1.00 24.14 ? 18  HOH A O   1 
HETATM 710 O O   . HOH B 2 .  ? 4.960   10.706  2.090   1.00 37.05 ? 19  HOH A O   1 
HETATM 711 O O   . HOH B 2 .  ? 4.605   -1.391  9.743   1.00 23.03 ? 20  HOH A O   1 
HETATM 712 O O   . HOH B 2 .  ? 3.254   -9.022  0.364   1.00 28.56 ? 21  HOH A O   1 
HETATM 713 O O   . HOH B 2 .  ? 2.276   -12.167 -8.016  1.00 37.20 ? 22  HOH A O   1 
HETATM 714 O O   . HOH B 2 .  ? -8.338  3.145   -4.529  1.00 28.16 ? 23  HOH A O   1 
HETATM 715 O O   . HOH B 2 .  ? -4.123  -1.633  -13.778 1.00 38.43 ? 24  HOH A O   1 
HETATM 716 O O   A HOH B 2 .  ? 1.118   -7.328  3.338   0.50 14.63 ? 25  HOH A O   1 
HETATM 717 O O   B HOH B 2 .  ? 0.553   -6.189  2.141   0.50 28.81 ? 25  HOH A O   1 
HETATM 718 O O   . HOH B 2 .  ? 10.440  0.616   -7.241  1.00 39.23 ? 26  HOH A O   1 
HETATM 719 O O   . HOH B 2 .  ? -9.967  -5.693  7.596   1.00 35.01 ? 27  HOH A O   1 
HETATM 720 O O   . HOH B 2 .  ? -9.725  -5.746  -10.956 1.00 43.15 ? 28  HOH A O   1 
HETATM 721 O O   . HOH B 2 .  ? 12.164  -9.667  2.607   1.00 29.80 ? 29  HOH A O   1 
HETATM 722 O O   . HOH B 2 .  ? 12.374  3.997   3.940   1.00 45.65 ? 30  HOH A O   1 
HETATM 723 O O   . HOH B 2 .  ? -4.380  7.630   10.170  1.00 37.74 ? 31  HOH A O   1 
HETATM 724 O O   . HOH B 2 .  ? -13.486 1.200   0.453   1.00 39.59 ? 32  HOH A O   1 
HETATM 725 O O   . HOH B 2 .  ? 5.100   -6.354  9.819   1.00 51.51 ? 33  HOH A O   1 
HETATM 726 O O   . HOH B 2 .  ? -6.893  -8.990  0.130   1.00 36.48 ? 34  HOH A O   1 
HETATM 727 O O   . HOH B 2 .  ? 4.679   -12.717 -8.497  1.00 43.55 ? 35  HOH A O   1 
HETATM 728 O O   . HOH B 2 .  ? 1.088   -5.036  -13.983 1.00 31.29 ? 36  HOH A O   1 
HETATM 729 O O   . HOH B 2 .  ? 7.422   -5.083  8.610   1.00 27.92 ? 37  HOH A O   1 
HETATM 730 O O   . HOH B 2 .  ? -10.151 2.118   -6.481  1.00 37.30 ? 38  HOH A O   1 
HETATM 731 O O   . HOH B 2 .  ? 6.750   10.169  -0.067  1.00 33.40 ? 39  HOH A O   1 
HETATM 732 O O   . HOH B 2 .  ? -2.316  -1.199  -15.726 1.00 49.42 ? 40  HOH A O   1 
HETATM 733 O O   . HOH B 2 .  ? 4.084   4.934   8.859   1.00 27.54 ? 41  HOH A O   1 
HETATM 734 O O   . HOH B 2 .  ? -2.740  1.306   12.119  1.00 39.86 ? 42  HOH A O   1 
HETATM 735 O O   . HOH B 2 .  ? -1.769  -7.762  0.130   1.00 60.28 ? 43  HOH A O   1 
HETATM 736 O O   . HOH B 2 .  ? 9.081   9.182   -2.799  1.00 28.92 ? 44  HOH A O   1 
HETATM 737 O O   . HOH B 2 .  ? 14.740  -2.375  6.088   1.00 45.54 ? 45  HOH A O   1 
HETATM 738 O O   . HOH B 2 .  ? 5.181   9.090   11.324  1.00 47.18 ? 46  HOH A O   1 
HETATM 739 O O   . HOH B 2 .  ? 2.771   10.388  9.191   1.00 53.99 ? 47  HOH A O   1 
HETATM 740 O O   . HOH B 2 .  ? 7.805   5.866   12.962  1.00 47.32 ? 48  HOH A O   1 
HETATM 741 O O   . HOH B 2 .  ? 6.196   11.461  -3.425  1.00 42.25 ? 49  HOH A O   1 
HETATM 742 O O   . HOH B 2 .  ? -15.384 2.985   0.394   1.00 42.70 ? 50  HOH A O   1 
HETATM 743 O O   . HOH B 2 .  ? -1.792  10.863  5.032   1.00 33.51 ? 51  HOH A O   1 
HETATM 744 O O   . HOH B 2 .  ? -8.228  -8.600  -10.235 1.00 47.82 ? 52  HOH A O   1 
HETATM 745 O O   . HOH B 2 .  ? 14.675  -7.230  8.493   1.00 36.90 ? 53  HOH A O   1 
HETATM 746 O O   . HOH B 2 .  ? 5.637   -13.885 -2.816  1.00 41.99 ? 54  HOH A O   1 
HETATM 747 O O   . HOH B 2 .  ? 3.141   10.398  -6.561  1.00 51.41 ? 55  HOH A O   1 
HETATM 748 O O   . HOH B 2 .  ? 10.782  -2.596  10.743  1.00 44.08 ? 56  HOH A O   1 
HETATM 749 O O   . HOH B 2 .  ? 15.431  -4.446  4.590   1.00 39.26 ? 57  HOH A O   1 
HETATM 750 O O   . HOH B 2 .  ? -11.505 -3.847  -12.864 1.00 47.42 ? 58  HOH A O   1 
HETATM 751 O O   . HOH B 2 .  ? -3.022  -4.731  -14.216 1.00 53.39 ? 59  HOH A O   1 
HETATM 752 O O   . HOH B 2 .  ? -10.231 0.482   -13.307 1.00 65.05 ? 60  HOH A O   1 
HETATM 753 O O   . HOH B 2 .  ? 3.898   2.086   -14.925 1.00 33.71 ? 61  HOH A O   1 
HETATM 754 O O   . HOH B 2 .  ? -6.571  1.453   -12.733 1.00 50.98 ? 62  HOH A O   1 
HETATM 755 O O   . HOH B 2 .  ? -5.985  4.454   -13.616 1.00 46.58 ? 63  HOH A O   1 
HETATM 756 O O   . HOH B 2 .  ? 3.785   13.266  11.056  1.00 62.30 ? 64  HOH A O   1 
HETATM 757 O O   . HOH B 2 .  ? 16.274  -6.357  6.267   1.00 41.69 ? 65  HOH A O   1 
HETATM 758 O O   . HOH B 2 .  ? -1.033  -6.689  -13.541 1.00 40.87 ? 66  HOH A O   1 
HETATM 759 O O   . HOH B 2 .  ? 1.846   15.254  11.747  1.00 67.38 ? 67  HOH A O   1 
HETATM 760 O O   . HOH B 2 .  ? -0.404  6.208   -9.882  1.00 64.98 ? 68  HOH A O   1 
HETATM 761 O O   . HOH B 2 .  ? -4.222  5.614   -11.942 1.00 53.67 ? 69  HOH A O   1 
HETATM 762 O O   . HOH B 2 .  ? -6.408  -7.730  6.293   1.00 34.11 ? 70  HOH A O   1 
HETATM 763 O O   . HOH B 2 .  ? -4.652  17.249  2.227   1.00 28.09 ? 71  HOH A O   1 
HETATM 764 O O   . HOH B 2 .  ? 3.994   -3.482  -11.582 1.00 27.11 ? 72  HOH A O   1 
HETATM 765 O O   . HOH B 2 .  ? 14.063  -8.529  4.305   1.00 32.88 ? 73  HOH A O   1 
HETATM 766 O O   . HOH B 2 .  ? 0.900   4.455   -11.722 1.00 50.83 ? 74  HOH A O   1 
HETATM 767 O O   . HOH B 2 .  ? 7.506   1.656   -9.104  1.00 42.16 ? 75  HOH A O   1 
HETATM 768 O O   . HOH B 2 .  ? 2.458   13.202  2.907   1.00 31.55 ? 76  HOH A O   1 
HETATM 769 O O   . HOH B 2 .  ? 11.269  0.815   7.130   1.00 36.91 ? 77  HOH A O   1 
HETATM 770 O O   . HOH B 2 .  ? 8.857   7.039   -7.378  1.00 46.03 ? 78  HOH A O   1 
HETATM 771 O O   . HOH B 2 .  ? -7.910  2.724   7.705   1.00 41.87 ? 79  HOH A O   1 
HETATM 772 O O   . HOH B 2 .  ? 14.387  -6.485  -6.916  1.00 50.62 ? 80  HOH A O   1 
HETATM 773 O O   . HOH B 2 .  ? 4.582   -5.856  -7.498  1.00 36.83 ? 81  HOH A O   1 
HETATM 774 O O   . HOH B 2 .  ? 3.831   5.637   11.585  1.00 41.86 ? 82  HOH A O   1 
HETATM 775 O O   . HOH B 2 .  ? 5.041   4.355   -9.323  1.00 51.62 ? 83  HOH A O   1 
HETATM 776 O O   . HOH B 2 .  ? 11.908  5.676   12.369  1.00 72.22 ? 84  HOH A O   1 
HETATM 777 O O   . HOH B 2 .  ? -0.696  11.459  11.114  1.00 67.64 ? 85  HOH A O   1 
HETATM 778 O O   . HOH B 2 .  ? -11.501 6.564   -5.506  1.00 46.39 ? 86  HOH A O   1 
HETATM 779 O O   . HOH B 2 .  ? 12.300  1.094   3.796   1.00 34.48 ? 87  HOH A O   1 
HETATM 780 O O   . HOH B 2 .  ? 0.559   12.183  5.302   1.00 42.37 ? 88  HOH A O   1 
HETATM 781 O O   . HOH B 2 .  ? -11.875 9.005   -0.244  1.00 51.91 ? 89  HOH A O   1 
HETATM 782 O O   . HOH B 2 .  ? 11.273  -10.732 -8.262  1.00 42.54 ? 90  HOH A O   1 
HETATM 783 O O   . HOH B 2 .  ? -10.936 2.396   8.174   1.00 46.43 ? 91  HOH A O   1 
HETATM 784 O O   . HOH B 2 .  ? 11.657  -7.690  -9.918  1.00 50.64 ? 92  HOH A O   1 
HETATM 785 O O   . HOH B 2 .  ? -10.719 -7.928  1.063   1.00 57.06 ? 93  HOH A O   1 
HETATM 786 O O   . HOH B 2 .  ? 8.230   -13.076 -10.434 1.00 46.36 ? 94  HOH A O   1 
HETATM 787 O O   . HOH B 2 .  ? -1.790  15.454  -5.847  1.00 52.03 ? 95  HOH A O   1 
HETATM 788 O O   . HOH B 2 .  ? -7.521  0.884   9.619   1.00 38.55 ? 96  HOH A O   1 
HETATM 789 O O   . HOH B 2 .  ? -8.590  -1.802  9.530   1.00 37.45 ? 97  HOH A O   1 
HETATM 790 O O   . HOH B 2 .  ? 5.420   7.047   13.233  1.00 61.67 ? 98  HOH A O   1 
HETATM 791 O O   . HOH B 2 .  ? -2.420  13.849  -8.482  1.00 57.03 ? 99  HOH A O   1 
HETATM 792 O O   . HOH B 2 .  ? -6.003  1.518   11.614  1.00 51.00 ? 100 HOH A O   1 
HETATM 793 O O   . HOH B 2 .  ? -6.148  -1.289  13.120  1.00 57.50 ? 101 HOH A O   1 
HETATM 794 O O   . HOH B 2 .  ? -4.103  16.615  -8.857  1.00 57.49 ? 102 HOH A O   1 
HETATM 795 O O   . HOH B 2 .  ? -6.762  -3.546  8.514   1.00 33.76 ? 103 HOH A O   1 
HETATM 796 O O   . HOH B 2 .  ? 10.912  -5.265  11.466  1.00 36.24 ? 104 HOH A O   1 
# 
loop_
_pdbx_poly_seq_scheme.asym_id 
_pdbx_poly_seq_scheme.entity_id 
_pdbx_poly_seq_scheme.seq_id 
_pdbx_poly_seq_scheme.mon_id 
_pdbx_poly_seq_scheme.ndb_seq_num 
_pdbx_poly_seq_scheme.pdb_seq_num 
_pdbx_poly_seq_scheme.auth_seq_num 
_pdbx_poly_seq_scheme.pdb_mon_id 
_pdbx_poly_seq_scheme.auth_mon_id 
_pdbx_poly_seq_scheme.pdb_strand_id 
_pdbx_poly_seq_scheme.pdb_ins_code 
_pdbx_poly_seq_scheme.hetero 
A 1 1  SER 1  837 837 SER SER A . n 
A 1 2  MET 2  838 838 MET MET A . n 
A 1 3  GLU 3  839 839 GLU GLU A . n 
A 1 4  GLN 4  840 840 GLN GLN A . n 
A 1 5  ASP 5  841 841 ASP ASP A . n 
A 1 6  ILE 6  842 842 ILE ILE A . n 
A 1 7  PHE 7  843 843 PHE PHE A . n 
A 1 8  LEU 8  844 844 LEU LEU A . n 
A 1 9  TRP 9  845 845 TRP TRP A . n 
A 1 10 ARG 10 846 846 ARG ARG A . n 
A 1 11 LYS 11 847 847 LYS LYS A . n 
A 1 12 GLU 12 848 848 GLU GLU A . n 
A 1 13 THR 13 849 849 THR THR A . n 
A 1 14 GLY 14 850 850 GLY GLY A . n 
A 1 15 PHE 15 851 851 PHE PHE A . n 
A 1 16 GLY 16 852 852 GLY GLY A . n 
A 1 17 PHE 17 853 853 PHE PHE A . n 
A 1 18 ARG 18 854 854 ARG ARG A . n 
A 1 19 ILE 19 855 855 ILE ILE A . n 
A 1 20 LEU 20 856 856 LEU LEU A . n 
A 1 21 GLY 21 857 857 GLY GLY A . n 
A 1 22 GLY 22 858 858 GLY GLY A . n 
A 1 23 ASN 23 859 859 ASN ASN A . n 
A 1 24 GLU 24 860 860 GLU GLU A . n 
A 1 25 PRO 25 861 861 PRO PRO A . n 
A 1 26 GLY 26 862 862 GLY GLY A . n 
A 1 27 GLU 27 863 863 GLU GLU A . n 
A 1 28 PRO 28 864 864 PRO PRO A . n 
A 1 29 ILE 29 865 865 ILE ILE A . n 
A 1 30 TYR 30 866 866 TYR TYR A . n 
A 1 31 ILE 31 867 867 ILE ILE A . n 
A 1 32 GLY 32 868 868 GLY GLY A . n 
A 1 33 HIS 33 869 869 HIS HIS A . n 
A 1 34 ILE 34 870 870 ILE ILE A . n 
A 1 35 VAL 35 871 871 VAL VAL A . n 
A 1 36 PRO 36 872 872 PRO PRO A . n 
A 1 37 LEU 37 873 873 LEU LEU A . n 
A 1 38 GLY 38 874 874 GLY GLY A . n 
A 1 39 ALA 39 875 875 ALA ALA A . n 
A 1 40 ALA 40 876 876 ALA ALA A . n 
A 1 41 ASP 41 877 877 ASP ASP A . n 
A 1 42 THR 42 878 878 THR THR A . n 
A 1 43 ASP 43 879 879 ASP ASP A . n 
A 1 44 GLY 44 880 880 GLY GLY A . n 
A 1 45 ARG 45 881 881 ARG ARG A . n 
A 1 46 LEU 46 882 882 LEU LEU A . n 
A 1 47 ARG 47 883 883 ARG ARG A . n 
A 1 48 SER 48 884 884 SER SER A . n 
A 1 49 GLY 49 885 885 GLY GLY A . n 
A 1 50 ASP 50 886 886 ASP ASP A . n 
A 1 51 GLU 51 887 887 GLU GLU A . n 
A 1 52 LEU 52 888 888 LEU LEU A . n 
A 1 53 ILE 53 889 889 ILE ILE A . n 
A 1 54 SER 54 890 890 SER SER A . n 
A 1 55 VAL 55 891 891 VAL VAL A . n 
A 1 56 ASP 56 892 892 ASP ASP A . n 
A 1 57 GLY 57 893 893 GLY GLY A . n 
A 1 58 THR 58 894 894 THR THR A . n 
A 1 59 PRO 59 895 895 PRO PRO A . n 
A 1 60 VAL 60 896 896 VAL VAL A . n 
A 1 61 ILE 61 897 897 ILE ILE A . n 
A 1 62 GLY 62 898 898 GLY GLY A . n 
A 1 63 LYS 63 899 899 LYS LYS A . n 
A 1 64 SER 64 900 900 SER SER A . n 
A 1 65 HIS 65 901 901 HIS HIS A . n 
A 1 66 GLN 66 902 902 GLN GLN A . n 
A 1 67 LEU 67 903 903 LEU LEU A . n 
A 1 68 VAL 68 904 904 VAL VAL A . n 
A 1 69 VAL 69 905 905 VAL VAL A . n 
A 1 70 GLN 70 906 906 GLN GLN A . n 
A 1 71 LEU 71 907 907 LEU LEU A . n 
A 1 72 MET 72 908 908 MET MET A . n 
A 1 73 GLN 73 909 909 GLN GLN A . n 
A 1 74 GLN 74 910 910 GLN GLN A . n 
A 1 75 ALA 75 911 911 ALA ALA A . n 
A 1 76 ALA 76 912 912 ALA ALA A . n 
A 1 77 LYS 77 913 913 LYS LYS A . n 
A 1 78 GLN 78 914 914 GLN GLN A . n 
A 1 79 GLY 79 915 915 GLY GLY A . n 
A 1 80 HIS 80 916 916 HIS HIS A . n 
A 1 81 VAL 81 917 917 VAL VAL A . n 
A 1 82 ASN 82 918 918 ASN ASN A . n 
A 1 83 LEU 83 919 919 LEU LEU A . n 
A 1 84 THR 84 920 920 THR THR A . n 
A 1 85 VAL 85 921 921 VAL VAL A . n 
A 1 86 ARG 86 922 922 ARG ARG A . n 
A 1 87 GLN 87 923 923 GLN GLN A . n 
A 1 88 THR 88 924 924 THR THR A . n 
A 1 89 ARG 89 925 925 ARG ARG A . n 
A 1 90 LEU 90 926 926 LEU LEU A . n 
# 
_pdbx_SG_project.id                    1 
_pdbx_SG_project.project_name          ? 
_pdbx_SG_project.full_name_of_center   'Structural Genomics Consortium' 
_pdbx_SG_project.initial_of_center     SGC 
# 
loop_
_pdbx_nonpoly_scheme.asym_id 
_pdbx_nonpoly_scheme.entity_id 
_pdbx_nonpoly_scheme.mon_id 
_pdbx_nonpoly_scheme.ndb_seq_num 
_pdbx_nonpoly_scheme.pdb_seq_num 
_pdbx_nonpoly_scheme.auth_seq_num 
_pdbx_nonpoly_scheme.pdb_mon_id 
_pdbx_nonpoly_scheme.auth_mon_id 
_pdbx_nonpoly_scheme.pdb_strand_id 
_pdbx_nonpoly_scheme.pdb_ins_code 
B 2 HOH 1   1   1   HOH HOH A . 
B 2 HOH 2   2   2   HOH HOH A . 
B 2 HOH 3   3   3   HOH HOH A . 
B 2 HOH 4   4   4   HOH HOH A . 
B 2 HOH 5   5   5   HOH HOH A . 
B 2 HOH 6   6   6   HOH HOH A . 
B 2 HOH 7   7   7   HOH HOH A . 
B 2 HOH 8   8   8   HOH HOH A . 
B 2 HOH 9   9   9   HOH HOH A . 
B 2 HOH 10  10  10  HOH HOH A . 
B 2 HOH 11  11  11  HOH HOH A . 
B 2 HOH 12  12  12  HOH HOH A . 
B 2 HOH 13  13  13  HOH HOH A . 
B 2 HOH 14  14  14  HOH HOH A . 
B 2 HOH 15  15  15  HOH HOH A . 
B 2 HOH 16  16  16  HOH HOH A . 
B 2 HOH 17  17  17  HOH HOH A . 
B 2 HOH 18  18  18  HOH HOH A . 
B 2 HOH 19  19  19  HOH HOH A . 
B 2 HOH 20  20  20  HOH HOH A . 
B 2 HOH 21  21  21  HOH HOH A . 
B 2 HOH 22  22  22  HOH HOH A . 
B 2 HOH 23  23  23  HOH HOH A . 
B 2 HOH 24  24  24  HOH HOH A . 
B 2 HOH 25  25  25  HOH HOH A . 
B 2 HOH 26  26  26  HOH HOH A . 
B 2 HOH 27  27  27  HOH HOH A . 
B 2 HOH 28  28  28  HOH HOH A . 
B 2 HOH 29  29  29  HOH HOH A . 
B 2 HOH 30  30  30  HOH HOH A . 
B 2 HOH 31  31  31  HOH HOH A . 
B 2 HOH 32  32  32  HOH HOH A . 
B 2 HOH 33  33  33  HOH HOH A . 
B 2 HOH 34  34  34  HOH HOH A . 
B 2 HOH 35  35  35  HOH HOH A . 
B 2 HOH 36  36  36  HOH HOH A . 
B 2 HOH 37  37  37  HOH HOH A . 
B 2 HOH 38  38  38  HOH HOH A . 
B 2 HOH 39  39  39  HOH HOH A . 
B 2 HOH 40  40  40  HOH HOH A . 
B 2 HOH 41  41  41  HOH HOH A . 
B 2 HOH 42  42  42  HOH HOH A . 
B 2 HOH 43  43  43  HOH HOH A . 
B 2 HOH 44  44  44  HOH HOH A . 
B 2 HOH 45  45  45  HOH HOH A . 
B 2 HOH 46  46  46  HOH HOH A . 
B 2 HOH 47  47  47  HOH HOH A . 
B 2 HOH 48  48  48  HOH HOH A . 
B 2 HOH 49  49  49  HOH HOH A . 
B 2 HOH 50  50  50  HOH HOH A . 
B 2 HOH 51  51  51  HOH HOH A . 
B 2 HOH 52  52  52  HOH HOH A . 
B 2 HOH 53  53  53  HOH HOH A . 
B 2 HOH 54  54  54  HOH HOH A . 
B 2 HOH 55  55  55  HOH HOH A . 
B 2 HOH 56  56  56  HOH HOH A . 
B 2 HOH 57  57  57  HOH HOH A . 
B 2 HOH 58  58  58  HOH HOH A . 
B 2 HOH 59  59  59  HOH HOH A . 
B 2 HOH 60  60  60  HOH HOH A . 
B 2 HOH 61  61  61  HOH HOH A . 
B 2 HOH 62  62  62  HOH HOH A . 
B 2 HOH 63  63  63  HOH HOH A . 
B 2 HOH 64  64  64  HOH HOH A . 
B 2 HOH 65  65  65  HOH HOH A . 
B 2 HOH 66  66  66  HOH HOH A . 
B 2 HOH 67  67  67  HOH HOH A . 
B 2 HOH 68  68  68  HOH HOH A . 
B 2 HOH 69  69  69  HOH HOH A . 
B 2 HOH 70  70  70  HOH HOH A . 
B 2 HOH 71  71  71  HOH HOH A . 
B 2 HOH 72  72  72  HOH HOH A . 
B 2 HOH 73  73  73  HOH HOH A . 
B 2 HOH 74  74  74  HOH HOH A . 
B 2 HOH 75  75  75  HOH HOH A . 
B 2 HOH 76  76  76  HOH HOH A . 
B 2 HOH 77  77  77  HOH HOH A . 
B 2 HOH 78  78  78  HOH HOH A . 
B 2 HOH 79  79  79  HOH HOH A . 
B 2 HOH 80  80  80  HOH HOH A . 
B 2 HOH 81  81  81  HOH HOH A . 
B 2 HOH 82  82  82  HOH HOH A . 
B 2 HOH 83  83  83  HOH HOH A . 
B 2 HOH 84  84  84  HOH HOH A . 
B 2 HOH 85  85  85  HOH HOH A . 
B 2 HOH 86  86  86  HOH HOH A . 
B 2 HOH 87  87  87  HOH HOH A . 
B 2 HOH 88  88  88  HOH HOH A . 
B 2 HOH 89  89  89  HOH HOH A . 
B 2 HOH 90  90  90  HOH HOH A . 
B 2 HOH 91  91  91  HOH HOH A . 
B 2 HOH 92  92  92  HOH HOH A . 
B 2 HOH 93  93  93  HOH HOH A . 
B 2 HOH 94  94  94  HOH HOH A . 
B 2 HOH 95  95  95  HOH HOH A . 
B 2 HOH 96  96  96  HOH HOH A . 
B 2 HOH 97  97  97  HOH HOH A . 
B 2 HOH 98  98  98  HOH HOH A . 
B 2 HOH 99  99  99  HOH HOH A . 
B 2 HOH 100 100 100 HOH HOH A . 
B 2 HOH 101 101 101 HOH HOH A . 
B 2 HOH 102 102 102 HOH HOH A . 
B 2 HOH 103 103 103 HOH HOH A . 
B 2 HOH 104 104 104 HOH HOH A . 
# 
_pdbx_struct_assembly.id                   1 
_pdbx_struct_assembly.details              author_defined_assembly 
_pdbx_struct_assembly.method_details       ? 
_pdbx_struct_assembly.oligomeric_details   monomeric 
_pdbx_struct_assembly.oligomeric_count     1 
# 
_pdbx_struct_assembly_gen.assembly_id       1 
_pdbx_struct_assembly_gen.oper_expression   1 
_pdbx_struct_assembly_gen.asym_id_list      A,B 
# 
_pdbx_struct_oper_list.id                   1 
_pdbx_struct_oper_list.type                 'identity operation' 
_pdbx_struct_oper_list.name                 1_555 
_pdbx_struct_oper_list.symmetry_operation   x,y,z 
_pdbx_struct_oper_list.matrix[1][1]         1.0000000000 
_pdbx_struct_oper_list.matrix[1][2]         0.0000000000 
_pdbx_struct_oper_list.matrix[1][3]         0.0000000000 
_pdbx_struct_oper_list.vector[1]            0.0000000000 
_pdbx_struct_oper_list.matrix[2][1]         0.0000000000 
_pdbx_struct_oper_list.matrix[2][2]         1.0000000000 
_pdbx_struct_oper_list.matrix[2][3]         0.0000000000 
_pdbx_struct_oper_list.vector[2]            0.0000000000 
_pdbx_struct_oper_list.matrix[3][1]         0.0000000000 
_pdbx_struct_oper_list.matrix[3][2]         0.0000000000 
_pdbx_struct_oper_list.matrix[3][3]         1.0000000000 
_pdbx_struct_oper_list.vector[3]            0.0000000000 
# 
loop_
_pdbx_audit_revision_history.ordinal 
_pdbx_audit_revision_history.data_content_type 
_pdbx_audit_revision_history.major_revision 
_pdbx_audit_revision_history.minor_revision 
_pdbx_audit_revision_history.revision_date 
1 'Structure model' 1 0 2007-06-26 
2 'Structure model' 1 1 2008-05-01 
3 'Structure model' 1 2 2011-07-13 
4 'Structure model' 1 3 2021-10-20 
5 'Structure model' 1 4 2023-08-30 
# 
_pdbx_audit_revision_details.ordinal             1 
_pdbx_audit_revision_details.revision_ordinal    1 
_pdbx_audit_revision_details.data_content_type   'Structure model' 
_pdbx_audit_revision_details.provider            repository 
_pdbx_audit_revision_details.type                'Initial release' 
_pdbx_audit_revision_details.description         ? 
_pdbx_audit_revision_details.details             ? 
# 
loop_
_pdbx_audit_revision_group.ordinal 
_pdbx_audit_revision_group.revision_ordinal 
_pdbx_audit_revision_group.data_content_type 
_pdbx_audit_revision_group.group 
1 2 'Structure model' 'Version format compliance' 
2 3 'Structure model' Advisory                    
3 3 'Structure model' 'Version format compliance' 
4 4 'Structure model' 'Database references'       
5 5 'Structure model' 'Data collection'           
6 5 'Structure model' 'Refinement description'    
# 
loop_
_pdbx_audit_revision_category.ordinal 
_pdbx_audit_revision_category.revision_ordinal 
_pdbx_audit_revision_category.data_content_type 
_pdbx_audit_revision_category.category 
1 4 'Structure model' database_2                    
2 4 'Structure model' struct_ref_seq_dif            
3 5 'Structure model' chem_comp_atom                
4 5 'Structure model' chem_comp_bond                
5 5 'Structure model' pdbx_initial_refinement_model 
# 
loop_
_pdbx_audit_revision_item.ordinal 
_pdbx_audit_revision_item.revision_ordinal 
_pdbx_audit_revision_item.data_content_type 
_pdbx_audit_revision_item.item 
1 4 'Structure model' '_database_2.pdbx_DOI'                
2 4 'Structure model' '_database_2.pdbx_database_accession' 
3 4 'Structure model' '_struct_ref_seq_dif.details'         
# 
_pdbx_refine_tls.id               1 
_pdbx_refine_tls.details          ? 
_pdbx_refine_tls.method           refined 
_pdbx_refine_tls.origin_x         0.0741 
_pdbx_refine_tls.origin_y         0.3359 
_pdbx_refine_tls.origin_z         -0.1216 
_pdbx_refine_tls.T[1][1]          0.0033 
_pdbx_refine_tls.T[2][2]          0.0050 
_pdbx_refine_tls.T[3][3]          0.0047 
_pdbx_refine_tls.T[1][2]          0.0067 
_pdbx_refine_tls.T[1][3]          -0.0038 
_pdbx_refine_tls.T[2][3]          0.0120 
_pdbx_refine_tls.L[1][1]          0.8604 
_pdbx_refine_tls.L[2][2]          0.6347 
_pdbx_refine_tls.L[3][3]          0.6182 
_pdbx_refine_tls.L[1][2]          0.3548 
_pdbx_refine_tls.L[1][3]          -0.1194 
_pdbx_refine_tls.L[2][3]          0.2603 
_pdbx_refine_tls.S[1][1]          0.0010 
_pdbx_refine_tls.S[1][2]          -0.0221 
_pdbx_refine_tls.S[1][3]          0.1166 
_pdbx_refine_tls.S[2][1]          0.0145 
_pdbx_refine_tls.S[2][2]          0.0247 
_pdbx_refine_tls.S[2][3]          0.0452 
_pdbx_refine_tls.S[3][1]          0.0006 
_pdbx_refine_tls.S[3][2]          -0.0304 
_pdbx_refine_tls.S[3][3]          -0.0257 
_pdbx_refine_tls.pdbx_refine_id   'X-RAY DIFFRACTION' 
# 
_pdbx_refine_tls_group.id                  1 
_pdbx_refine_tls_group.refine_tls_id       1 
_pdbx_refine_tls_group.beg_auth_asym_id    A 
_pdbx_refine_tls_group.beg_auth_seq_id     837 
_pdbx_refine_tls_group.beg_label_asym_id   A 
_pdbx_refine_tls_group.beg_label_seq_id    1 
_pdbx_refine_tls_group.end_auth_asym_id    A 
_pdbx_refine_tls_group.end_auth_seq_id     926 
_pdbx_refine_tls_group.end_label_asym_id   A 
_pdbx_refine_tls_group.end_label_seq_id    90 
_pdbx_refine_tls_group.selection           ? 
_pdbx_refine_tls_group.pdbx_refine_id      'X-RAY DIFFRACTION' 
_pdbx_refine_tls_group.selection_details   ? 
# 
loop_
_software.name 
_software.classification 
_software.version 
_software.citation_id 
_software.pdbx_ordinal 
REFMAC       refinement        5.3.0037 ? 1 
CrystalClear 'data collection' .        ? 2 
MOSFLM       'data reduction'  .        ? 3 
SCALA        'data scaling'    .        ? 4 
PHASER       phasing           .        ? 5 
# 
loop_
_pdbx_unobs_or_zero_occ_atoms.id 
_pdbx_unobs_or_zero_occ_atoms.PDB_model_num 
_pdbx_unobs_or_zero_occ_atoms.polymer_flag 
_pdbx_unobs_or_zero_occ_atoms.occupancy_flag 
_pdbx_unobs_or_zero_occ_atoms.auth_asym_id 
_pdbx_unobs_or_zero_occ_atoms.auth_comp_id 
_pdbx_unobs_or_zero_occ_atoms.auth_seq_id 
_pdbx_unobs_or_zero_occ_atoms.PDB_ins_code 
_pdbx_unobs_or_zero_occ_atoms.auth_atom_id 
_pdbx_unobs_or_zero_occ_atoms.label_alt_id 
_pdbx_unobs_or_zero_occ_atoms.label_asym_id 
_pdbx_unobs_or_zero_occ_atoms.label_comp_id 
_pdbx_unobs_or_zero_occ_atoms.label_seq_id 
_pdbx_unobs_or_zero_occ_atoms.label_atom_id 
1 1 Y 1 A LYS 847 ? CD  ? A LYS 11 CD  
2 1 Y 1 A LYS 847 ? CE  ? A LYS 11 CE  
3 1 Y 1 A LYS 847 ? NZ  ? A LYS 11 NZ  
4 1 Y 1 A THR 849 ? CG2 ? A THR 13 CG2 
5 1 Y 1 A LYS 913 ? CD  ? A LYS 77 CD  
6 1 Y 1 A LYS 913 ? CE  ? A LYS 77 CE  
7 1 Y 1 A LYS 913 ? NZ  ? A LYS 77 NZ  
# 
loop_
_chem_comp_atom.comp_id 
_chem_comp_atom.atom_id 
_chem_comp_atom.type_symbol 
_chem_comp_atom.pdbx_aromatic_flag 
_chem_comp_atom.pdbx_stereo_config 
_chem_comp_atom.pdbx_ordinal 
ALA N    N N N 1   
ALA CA   C N S 2   
ALA C    C N N 3   
ALA O    O N N 4   
ALA CB   C N N 5   
ALA OXT  O N N 6   
ALA H    H N N 7   
ALA H2   H N N 8   
ALA HA   H N N 9   
ALA HB1  H N N 10  
ALA HB2  H N N 11  
ALA HB3  H N N 12  
ALA HXT  H N N 13  
ARG N    N N N 14  
ARG CA   C N S 15  
ARG C    C N N 16  
ARG O    O N N 17  
ARG CB   C N N 18  
ARG CG   C N N 19  
ARG CD   C N N 20  
ARG NE   N N N 21  
ARG CZ   C N N 22  
ARG NH1  N N N 23  
ARG NH2  N N N 24  
ARG OXT  O N N 25  
ARG H    H N N 26  
ARG H2   H N N 27  
ARG HA   H N N 28  
ARG HB2  H N N 29  
ARG HB3  H N N 30  
ARG HG2  H N N 31  
ARG HG3  H N N 32  
ARG HD2  H N N 33  
ARG HD3  H N N 34  
ARG HE   H N N 35  
ARG HH11 H N N 36  
ARG HH12 H N N 37  
ARG HH21 H N N 38  
ARG HH22 H N N 39  
ARG HXT  H N N 40  
ASN N    N N N 41  
ASN CA   C N S 42  
ASN C    C N N 43  
ASN O    O N N 44  
ASN CB   C N N 45  
ASN CG   C N N 46  
ASN OD1  O N N 47  
ASN ND2  N N N 48  
ASN OXT  O N N 49  
ASN H    H N N 50  
ASN H2   H N N 51  
ASN HA   H N N 52  
ASN HB2  H N N 53  
ASN HB3  H N N 54  
ASN HD21 H N N 55  
ASN HD22 H N N 56  
ASN HXT  H N N 57  
ASP N    N N N 58  
ASP CA   C N S 59  
ASP C    C N N 60  
ASP O    O N N 61  
ASP CB   C N N 62  
ASP CG   C N N 63  
ASP OD1  O N N 64  
ASP OD2  O N N 65  
ASP OXT  O N N 66  
ASP H    H N N 67  
ASP H2   H N N 68  
ASP HA   H N N 69  
ASP HB2  H N N 70  
ASP HB3  H N N 71  
ASP HD2  H N N 72  
ASP HXT  H N N 73  
CYS N    N N N 74  
CYS CA   C N R 75  
CYS C    C N N 76  
CYS O    O N N 77  
CYS CB   C N N 78  
CYS SG   S N N 79  
CYS OXT  O N N 80  
CYS H    H N N 81  
CYS H2   H N N 82  
CYS HA   H N N 83  
CYS HB2  H N N 84  
CYS HB3  H N N 85  
CYS HG   H N N 86  
CYS HXT  H N N 87  
GLN N    N N N 88  
GLN CA   C N S 89  
GLN C    C N N 90  
GLN O    O N N 91  
GLN CB   C N N 92  
GLN CG   C N N 93  
GLN CD   C N N 94  
GLN OE1  O N N 95  
GLN NE2  N N N 96  
GLN OXT  O N N 97  
GLN H    H N N 98  
GLN H2   H N N 99  
GLN HA   H N N 100 
GLN HB2  H N N 101 
GLN HB3  H N N 102 
GLN HG2  H N N 103 
GLN HG3  H N N 104 
GLN HE21 H N N 105 
GLN HE22 H N N 106 
GLN HXT  H N N 107 
GLU N    N N N 108 
GLU CA   C N S 109 
GLU C    C N N 110 
GLU O    O N N 111 
GLU CB   C N N 112 
GLU CG   C N N 113 
GLU CD   C N N 114 
GLU OE1  O N N 115 
GLU OE2  O N N 116 
GLU OXT  O N N 117 
GLU H    H N N 118 
GLU H2   H N N 119 
GLU HA   H N N 120 
GLU HB2  H N N 121 
GLU HB3  H N N 122 
GLU HG2  H N N 123 
GLU HG3  H N N 124 
GLU HE2  H N N 125 
GLU HXT  H N N 126 
GLY N    N N N 127 
GLY CA   C N N 128 
GLY C    C N N 129 
GLY O    O N N 130 
GLY OXT  O N N 131 
GLY H    H N N 132 
GLY H2   H N N 133 
GLY HA2  H N N 134 
GLY HA3  H N N 135 
GLY HXT  H N N 136 
HIS N    N N N 137 
HIS CA   C N S 138 
HIS C    C N N 139 
HIS O    O N N 140 
HIS CB   C N N 141 
HIS CG   C Y N 142 
HIS ND1  N Y N 143 
HIS CD2  C Y N 144 
HIS CE1  C Y N 145 
HIS NE2  N Y N 146 
HIS OXT  O N N 147 
HIS H    H N N 148 
HIS H2   H N N 149 
HIS HA   H N N 150 
HIS HB2  H N N 151 
HIS HB3  H N N 152 
HIS HD1  H N N 153 
HIS HD2  H N N 154 
HIS HE1  H N N 155 
HIS HE2  H N N 156 
HIS HXT  H N N 157 
HOH O    O N N 158 
HOH H1   H N N 159 
HOH H2   H N N 160 
ILE N    N N N 161 
ILE CA   C N S 162 
ILE C    C N N 163 
ILE O    O N N 164 
ILE CB   C N S 165 
ILE CG1  C N N 166 
ILE CG2  C N N 167 
ILE CD1  C N N 168 
ILE OXT  O N N 169 
ILE H    H N N 170 
ILE H2   H N N 171 
ILE HA   H N N 172 
ILE HB   H N N 173 
ILE HG12 H N N 174 
ILE HG13 H N N 175 
ILE HG21 H N N 176 
ILE HG22 H N N 177 
ILE HG23 H N N 178 
ILE HD11 H N N 179 
ILE HD12 H N N 180 
ILE HD13 H N N 181 
ILE HXT  H N N 182 
LEU N    N N N 183 
LEU CA   C N S 184 
LEU C    C N N 185 
LEU O    O N N 186 
LEU CB   C N N 187 
LEU CG   C N N 188 
LEU CD1  C N N 189 
LEU CD2  C N N 190 
LEU OXT  O N N 191 
LEU H    H N N 192 
LEU H2   H N N 193 
LEU HA   H N N 194 
LEU HB2  H N N 195 
LEU HB3  H N N 196 
LEU HG   H N N 197 
LEU HD11 H N N 198 
LEU HD12 H N N 199 
LEU HD13 H N N 200 
LEU HD21 H N N 201 
LEU HD22 H N N 202 
LEU HD23 H N N 203 
LEU HXT  H N N 204 
LYS N    N N N 205 
LYS CA   C N S 206 
LYS C    C N N 207 
LYS O    O N N 208 
LYS CB   C N N 209 
LYS CG   C N N 210 
LYS CD   C N N 211 
LYS CE   C N N 212 
LYS NZ   N N N 213 
LYS OXT  O N N 214 
LYS H    H N N 215 
LYS H2   H N N 216 
LYS HA   H N N 217 
LYS HB2  H N N 218 
LYS HB3  H N N 219 
LYS HG2  H N N 220 
LYS HG3  H N N 221 
LYS HD2  H N N 222 
LYS HD3  H N N 223 
LYS HE2  H N N 224 
LYS HE3  H N N 225 
LYS HZ1  H N N 226 
LYS HZ2  H N N 227 
LYS HZ3  H N N 228 
LYS HXT  H N N 229 
MET N    N N N 230 
MET CA   C N S 231 
MET C    C N N 232 
MET O    O N N 233 
MET CB   C N N 234 
MET CG   C N N 235 
MET SD   S N N 236 
MET CE   C N N 237 
MET OXT  O N N 238 
MET H    H N N 239 
MET H2   H N N 240 
MET HA   H N N 241 
MET HB2  H N N 242 
MET HB3  H N N 243 
MET HG2  H N N 244 
MET HG3  H N N 245 
MET HE1  H N N 246 
MET HE2  H N N 247 
MET HE3  H N N 248 
MET HXT  H N N 249 
PHE N    N N N 250 
PHE CA   C N S 251 
PHE C    C N N 252 
PHE O    O N N 253 
PHE CB   C N N 254 
PHE CG   C Y N 255 
PHE CD1  C Y N 256 
PHE CD2  C Y N 257 
PHE CE1  C Y N 258 
PHE CE2  C Y N 259 
PHE CZ   C Y N 260 
PHE OXT  O N N 261 
PHE H    H N N 262 
PHE H2   H N N 263 
PHE HA   H N N 264 
PHE HB2  H N N 265 
PHE HB3  H N N 266 
PHE HD1  H N N 267 
PHE HD2  H N N 268 
PHE HE1  H N N 269 
PHE HE2  H N N 270 
PHE HZ   H N N 271 
PHE HXT  H N N 272 
PRO N    N N N 273 
PRO CA   C N S 274 
PRO C    C N N 275 
PRO O    O N N 276 
PRO CB   C N N 277 
PRO CG   C N N 278 
PRO CD   C N N 279 
PRO OXT  O N N 280 
PRO H    H N N 281 
PRO HA   H N N 282 
PRO HB2  H N N 283 
PRO HB3  H N N 284 
PRO HG2  H N N 285 
PRO HG3  H N N 286 
PRO HD2  H N N 287 
PRO HD3  H N N 288 
PRO HXT  H N N 289 
SER N    N N N 290 
SER CA   C N S 291 
SER C    C N N 292 
SER O    O N N 293 
SER CB   C N N 294 
SER OG   O N N 295 
SER OXT  O N N 296 
SER H    H N N 297 
SER H2   H N N 298 
SER HA   H N N 299 
SER HB2  H N N 300 
SER HB3  H N N 301 
SER HG   H N N 302 
SER HXT  H N N 303 
THR N    N N N 304 
THR CA   C N S 305 
THR C    C N N 306 
THR O    O N N 307 
THR CB   C N R 308 
THR OG1  O N N 309 
THR CG2  C N N 310 
THR OXT  O N N 311 
THR H    H N N 312 
THR H2   H N N 313 
THR HA   H N N 314 
THR HB   H N N 315 
THR HG1  H N N 316 
THR HG21 H N N 317 
THR HG22 H N N 318 
THR HG23 H N N 319 
THR HXT  H N N 320 
TRP N    N N N 321 
TRP CA   C N S 322 
TRP C    C N N 323 
TRP O    O N N 324 
TRP CB   C N N 325 
TRP CG   C Y N 326 
TRP CD1  C Y N 327 
TRP CD2  C Y N 328 
TRP NE1  N Y N 329 
TRP CE2  C Y N 330 
TRP CE3  C Y N 331 
TRP CZ2  C Y N 332 
TRP CZ3  C Y N 333 
TRP CH2  C Y N 334 
TRP OXT  O N N 335 
TRP H    H N N 336 
TRP H2   H N N 337 
TRP HA   H N N 338 
TRP HB2  H N N 339 
TRP HB3  H N N 340 
TRP HD1  H N N 341 
TRP HE1  H N N 342 
TRP HE3  H N N 343 
TRP HZ2  H N N 344 
TRP HZ3  H N N 345 
TRP HH2  H N N 346 
TRP HXT  H N N 347 
TYR N    N N N 348 
TYR CA   C N S 349 
TYR C    C N N 350 
TYR O    O N N 351 
TYR CB   C N N 352 
TYR CG   C Y N 353 
TYR CD1  C Y N 354 
TYR CD2  C Y N 355 
TYR CE1  C Y N 356 
TYR CE2  C Y N 357 
TYR CZ   C Y N 358 
TYR OH   O N N 359 
TYR OXT  O N N 360 
TYR H    H N N 361 
TYR H2   H N N 362 
TYR HA   H N N 363 
TYR HB2  H N N 364 
TYR HB3  H N N 365 
TYR HD1  H N N 366 
TYR HD2  H N N 367 
TYR HE1  H N N 368 
TYR HE2  H N N 369 
TYR HH   H N N 370 
TYR HXT  H N N 371 
VAL N    N N N 372 
VAL CA   C N S 373 
VAL C    C N N 374 
VAL O    O N N 375 
VAL CB   C N N 376 
VAL CG1  C N N 377 
VAL CG2  C N N 378 
VAL OXT  O N N 379 
VAL H    H N N 380 
VAL H2   H N N 381 
VAL HA   H N N 382 
VAL HB   H N N 383 
VAL HG11 H N N 384 
VAL HG12 H N N 385 
VAL HG13 H N N 386 
VAL HG21 H N N 387 
VAL HG22 H N N 388 
VAL HG23 H N N 389 
VAL HXT  H N N 390 
# 
loop_
_chem_comp_bond.comp_id 
_chem_comp_bond.atom_id_1 
_chem_comp_bond.atom_id_2 
_chem_comp_bond.value_order 
_chem_comp_bond.pdbx_aromatic_flag 
_chem_comp_bond.pdbx_stereo_config 
_chem_comp_bond.pdbx_ordinal 
ALA N   CA   sing N N 1   
ALA N   H    sing N N 2   
ALA N   H2   sing N N 3   
ALA CA  C    sing N N 4   
ALA CA  CB   sing N N 5   
ALA CA  HA   sing N N 6   
ALA C   O    doub N N 7   
ALA C   OXT  sing N N 8   
ALA CB  HB1  sing N N 9   
ALA CB  HB2  sing N N 10  
ALA CB  HB3  sing N N 11  
ALA OXT HXT  sing N N 12  
ARG N   CA   sing N N 13  
ARG N   H    sing N N 14  
ARG N   H2   sing N N 15  
ARG CA  C    sing N N 16  
ARG CA  CB   sing N N 17  
ARG CA  HA   sing N N 18  
ARG C   O    doub N N 19  
ARG C   OXT  sing N N 20  
ARG CB  CG   sing N N 21  
ARG CB  HB2  sing N N 22  
ARG CB  HB3  sing N N 23  
ARG CG  CD   sing N N 24  
ARG CG  HG2  sing N N 25  
ARG CG  HG3  sing N N 26  
ARG CD  NE   sing N N 27  
ARG CD  HD2  sing N N 28  
ARG CD  HD3  sing N N 29  
ARG NE  CZ   sing N N 30  
ARG NE  HE   sing N N 31  
ARG CZ  NH1  sing N N 32  
ARG CZ  NH2  doub N N 33  
ARG NH1 HH11 sing N N 34  
ARG NH1 HH12 sing N N 35  
ARG NH2 HH21 sing N N 36  
ARG NH2 HH22 sing N N 37  
ARG OXT HXT  sing N N 38  
ASN N   CA   sing N N 39  
ASN N   H    sing N N 40  
ASN N   H2   sing N N 41  
ASN CA  C    sing N N 42  
ASN CA  CB   sing N N 43  
ASN CA  HA   sing N N 44  
ASN C   O    doub N N 45  
ASN C   OXT  sing N N 46  
ASN CB  CG   sing N N 47  
ASN CB  HB2  sing N N 48  
ASN CB  HB3  sing N N 49  
ASN CG  OD1  doub N N 50  
ASN CG  ND2  sing N N 51  
ASN ND2 HD21 sing N N 52  
ASN ND2 HD22 sing N N 53  
ASN OXT HXT  sing N N 54  
ASP N   CA   sing N N 55  
ASP N   H    sing N N 56  
ASP N   H2   sing N N 57  
ASP CA  C    sing N N 58  
ASP CA  CB   sing N N 59  
ASP CA  HA   sing N N 60  
ASP C   O    doub N N 61  
ASP C   OXT  sing N N 62  
ASP CB  CG   sing N N 63  
ASP CB  HB2  sing N N 64  
ASP CB  HB3  sing N N 65  
ASP CG  OD1  doub N N 66  
ASP CG  OD2  sing N N 67  
ASP OD2 HD2  sing N N 68  
ASP OXT HXT  sing N N 69  
CYS N   CA   sing N N 70  
CYS N   H    sing N N 71  
CYS N   H2   sing N N 72  
CYS CA  C    sing N N 73  
CYS CA  CB   sing N N 74  
CYS CA  HA   sing N N 75  
CYS C   O    doub N N 76  
CYS C   OXT  sing N N 77  
CYS CB  SG   sing N N 78  
CYS CB  HB2  sing N N 79  
CYS CB  HB3  sing N N 80  
CYS SG  HG   sing N N 81  
CYS OXT HXT  sing N N 82  
GLN N   CA   sing N N 83  
GLN N   H    sing N N 84  
GLN N   H2   sing N N 85  
GLN CA  C    sing N N 86  
GLN CA  CB   sing N N 87  
GLN CA  HA   sing N N 88  
GLN C   O    doub N N 89  
GLN C   OXT  sing N N 90  
GLN CB  CG   sing N N 91  
GLN CB  HB2  sing N N 92  
GLN CB  HB3  sing N N 93  
GLN CG  CD   sing N N 94  
GLN CG  HG2  sing N N 95  
GLN CG  HG3  sing N N 96  
GLN CD  OE1  doub N N 97  
GLN CD  NE2  sing N N 98  
GLN NE2 HE21 sing N N 99  
GLN NE2 HE22 sing N N 100 
GLN OXT HXT  sing N N 101 
GLU N   CA   sing N N 102 
GLU N   H    sing N N 103 
GLU N   H2   sing N N 104 
GLU CA  C    sing N N 105 
GLU CA  CB   sing N N 106 
GLU CA  HA   sing N N 107 
GLU C   O    doub N N 108 
GLU C   OXT  sing N N 109 
GLU CB  CG   sing N N 110 
GLU CB  HB2  sing N N 111 
GLU CB  HB3  sing N N 112 
GLU CG  CD   sing N N 113 
GLU CG  HG2  sing N N 114 
GLU CG  HG3  sing N N 115 
GLU CD  OE1  doub N N 116 
GLU CD  OE2  sing N N 117 
GLU OE2 HE2  sing N N 118 
GLU OXT HXT  sing N N 119 
GLY N   CA   sing N N 120 
GLY N   H    sing N N 121 
GLY N   H2   sing N N 122 
GLY CA  C    sing N N 123 
GLY CA  HA2  sing N N 124 
GLY CA  HA3  sing N N 125 
GLY C   O    doub N N 126 
GLY C   OXT  sing N N 127 
GLY OXT HXT  sing N N 128 
HIS N   CA   sing N N 129 
HIS N   H    sing N N 130 
HIS N   H2   sing N N 131 
HIS CA  C    sing N N 132 
HIS CA  CB   sing N N 133 
HIS CA  HA   sing N N 134 
HIS C   O    doub N N 135 
HIS C   OXT  sing N N 136 
HIS CB  CG   sing N N 137 
HIS CB  HB2  sing N N 138 
HIS CB  HB3  sing N N 139 
HIS CG  ND1  sing Y N 140 
HIS CG  CD2  doub Y N 141 
HIS ND1 CE1  doub Y N 142 
HIS ND1 HD1  sing N N 143 
HIS CD2 NE2  sing Y N 144 
HIS CD2 HD2  sing N N 145 
HIS CE1 NE2  sing Y N 146 
HIS CE1 HE1  sing N N 147 
HIS NE2 HE2  sing N N 148 
HIS OXT HXT  sing N N 149 
HOH O   H1   sing N N 150 
HOH O   H2   sing N N 151 
ILE N   CA   sing N N 152 
ILE N   H    sing N N 153 
ILE N   H2   sing N N 154 
ILE CA  C    sing N N 155 
ILE CA  CB   sing N N 156 
ILE CA  HA   sing N N 157 
ILE C   O    doub N N 158 
ILE C   OXT  sing N N 159 
ILE CB  CG1  sing N N 160 
ILE CB  CG2  sing N N 161 
ILE CB  HB   sing N N 162 
ILE CG1 CD1  sing N N 163 
ILE CG1 HG12 sing N N 164 
ILE CG1 HG13 sing N N 165 
ILE CG2 HG21 sing N N 166 
ILE CG2 HG22 sing N N 167 
ILE CG2 HG23 sing N N 168 
ILE CD1 HD11 sing N N 169 
ILE CD1 HD12 sing N N 170 
ILE CD1 HD13 sing N N 171 
ILE OXT HXT  sing N N 172 
LEU N   CA   sing N N 173 
LEU N   H    sing N N 174 
LEU N   H2   sing N N 175 
LEU CA  C    sing N N 176 
LEU CA  CB   sing N N 177 
LEU CA  HA   sing N N 178 
LEU C   O    doub N N 179 
LEU C   OXT  sing N N 180 
LEU CB  CG   sing N N 181 
LEU CB  HB2  sing N N 182 
LEU CB  HB3  sing N N 183 
LEU CG  CD1  sing N N 184 
LEU CG  CD2  sing N N 185 
LEU CG  HG   sing N N 186 
LEU CD1 HD11 sing N N 187 
LEU CD1 HD12 sing N N 188 
LEU CD1 HD13 sing N N 189 
LEU CD2 HD21 sing N N 190 
LEU CD2 HD22 sing N N 191 
LEU CD2 HD23 sing N N 192 
LEU OXT HXT  sing N N 193 
LYS N   CA   sing N N 194 
LYS N   H    sing N N 195 
LYS N   H2   sing N N 196 
LYS CA  C    sing N N 197 
LYS CA  CB   sing N N 198 
LYS CA  HA   sing N N 199 
LYS C   O    doub N N 200 
LYS C   OXT  sing N N 201 
LYS CB  CG   sing N N 202 
LYS CB  HB2  sing N N 203 
LYS CB  HB3  sing N N 204 
LYS CG  CD   sing N N 205 
LYS CG  HG2  sing N N 206 
LYS CG  HG3  sing N N 207 
LYS CD  CE   sing N N 208 
LYS CD  HD2  sing N N 209 
LYS CD  HD3  sing N N 210 
LYS CE  NZ   sing N N 211 
LYS CE  HE2  sing N N 212 
LYS CE  HE3  sing N N 213 
LYS NZ  HZ1  sing N N 214 
LYS NZ  HZ2  sing N N 215 
LYS NZ  HZ3  sing N N 216 
LYS OXT HXT  sing N N 217 
MET N   CA   sing N N 218 
MET N   H    sing N N 219 
MET N   H2   sing N N 220 
MET CA  C    sing N N 221 
MET CA  CB   sing N N 222 
MET CA  HA   sing N N 223 
MET C   O    doub N N 224 
MET C   OXT  sing N N 225 
MET CB  CG   sing N N 226 
MET CB  HB2  sing N N 227 
MET CB  HB3  sing N N 228 
MET CG  SD   sing N N 229 
MET CG  HG2  sing N N 230 
MET CG  HG3  sing N N 231 
MET SD  CE   sing N N 232 
MET CE  HE1  sing N N 233 
MET CE  HE2  sing N N 234 
MET CE  HE3  sing N N 235 
MET OXT HXT  sing N N 236 
PHE N   CA   sing N N 237 
PHE N   H    sing N N 238 
PHE N   H2   sing N N 239 
PHE CA  C    sing N N 240 
PHE CA  CB   sing N N 241 
PHE CA  HA   sing N N 242 
PHE C   O    doub N N 243 
PHE C   OXT  sing N N 244 
PHE CB  CG   sing N N 245 
PHE CB  HB2  sing N N 246 
PHE CB  HB3  sing N N 247 
PHE CG  CD1  doub Y N 248 
PHE CG  CD2  sing Y N 249 
PHE CD1 CE1  sing Y N 250 
PHE CD1 HD1  sing N N 251 
PHE CD2 CE2  doub Y N 252 
PHE CD2 HD2  sing N N 253 
PHE CE1 CZ   doub Y N 254 
PHE CE1 HE1  sing N N 255 
PHE CE2 CZ   sing Y N 256 
PHE CE2 HE2  sing N N 257 
PHE CZ  HZ   sing N N 258 
PHE OXT HXT  sing N N 259 
PRO N   CA   sing N N 260 
PRO N   CD   sing N N 261 
PRO N   H    sing N N 262 
PRO CA  C    sing N N 263 
PRO CA  CB   sing N N 264 
PRO CA  HA   sing N N 265 
PRO C   O    doub N N 266 
PRO C   OXT  sing N N 267 
PRO CB  CG   sing N N 268 
PRO CB  HB2  sing N N 269 
PRO CB  HB3  sing N N 270 
PRO CG  CD   sing N N 271 
PRO CG  HG2  sing N N 272 
PRO CG  HG3  sing N N 273 
PRO CD  HD2  sing N N 274 
PRO CD  HD3  sing N N 275 
PRO OXT HXT  sing N N 276 
SER N   CA   sing N N 277 
SER N   H    sing N N 278 
SER N   H2   sing N N 279 
SER CA  C    sing N N 280 
SER CA  CB   sing N N 281 
SER CA  HA   sing N N 282 
SER C   O    doub N N 283 
SER C   OXT  sing N N 284 
SER CB  OG   sing N N 285 
SER CB  HB2  sing N N 286 
SER CB  HB3  sing N N 287 
SER OG  HG   sing N N 288 
SER OXT HXT  sing N N 289 
THR N   CA   sing N N 290 
THR N   H    sing N N 291 
THR N   H2   sing N N 292 
THR CA  C    sing N N 293 
THR CA  CB   sing N N 294 
THR CA  HA   sing N N 295 
THR C   O    doub N N 296 
THR C   OXT  sing N N 297 
THR CB  OG1  sing N N 298 
THR CB  CG2  sing N N 299 
THR CB  HB   sing N N 300 
THR OG1 HG1  sing N N 301 
THR CG2 HG21 sing N N 302 
THR CG2 HG22 sing N N 303 
THR CG2 HG23 sing N N 304 
THR OXT HXT  sing N N 305 
TRP N   CA   sing N N 306 
TRP N   H    sing N N 307 
TRP N   H2   sing N N 308 
TRP CA  C    sing N N 309 
TRP CA  CB   sing N N 310 
TRP CA  HA   sing N N 311 
TRP C   O    doub N N 312 
TRP C   OXT  sing N N 313 
TRP CB  CG   sing N N 314 
TRP CB  HB2  sing N N 315 
TRP CB  HB3  sing N N 316 
TRP CG  CD1  doub Y N 317 
TRP CG  CD2  sing Y N 318 
TRP CD1 NE1  sing Y N 319 
TRP CD1 HD1  sing N N 320 
TRP CD2 CE2  doub Y N 321 
TRP CD2 CE3  sing Y N 322 
TRP NE1 CE2  sing Y N 323 
TRP NE1 HE1  sing N N 324 
TRP CE2 CZ2  sing Y N 325 
TRP CE3 CZ3  doub Y N 326 
TRP CE3 HE3  sing N N 327 
TRP CZ2 CH2  doub Y N 328 
TRP CZ2 HZ2  sing N N 329 
TRP CZ3 CH2  sing Y N 330 
TRP CZ3 HZ3  sing N N 331 
TRP CH2 HH2  sing N N 332 
TRP OXT HXT  sing N N 333 
TYR N   CA   sing N N 334 
TYR N   H    sing N N 335 
TYR N   H2   sing N N 336 
TYR CA  C    sing N N 337 
TYR CA  CB   sing N N 338 
TYR CA  HA   sing N N 339 
TYR C   O    doub N N 340 
TYR C   OXT  sing N N 341 
TYR CB  CG   sing N N 342 
TYR CB  HB2  sing N N 343 
TYR CB  HB3  sing N N 344 
TYR CG  CD1  doub Y N 345 
TYR CG  CD2  sing Y N 346 
TYR CD1 CE1  sing Y N 347 
TYR CD1 HD1  sing N N 348 
TYR CD2 CE2  doub Y N 349 
TYR CD2 HD2  sing N N 350 
TYR CE1 CZ   doub Y N 351 
TYR CE1 HE1  sing N N 352 
TYR CE2 CZ   sing Y N 353 
TYR CE2 HE2  sing N N 354 
TYR CZ  OH   sing N N 355 
TYR OH  HH   sing N N 356 
TYR OXT HXT  sing N N 357 
VAL N   CA   sing N N 358 
VAL N   H    sing N N 359 
VAL N   H2   sing N N 360 
VAL CA  C    sing N N 361 
VAL CA  CB   sing N N 362 
VAL CA  HA   sing N N 363 
VAL C   O    doub N N 364 
VAL C   OXT  sing N N 365 
VAL CB  CG1  sing N N 366 
VAL CB  CG2  sing N N 367 
VAL CB  HB   sing N N 368 
VAL CG1 HG11 sing N N 369 
VAL CG1 HG12 sing N N 370 
VAL CG1 HG13 sing N N 371 
VAL CG2 HG21 sing N N 372 
VAL CG2 HG22 sing N N 373 
VAL CG2 HG23 sing N N 374 
VAL OXT HXT  sing N N 375 
# 
_pdbx_entity_nonpoly.entity_id   2 
_pdbx_entity_nonpoly.name        water 
_pdbx_entity_nonpoly.comp_id     HOH 
# 
loop_
_pdbx_initial_refinement_model.id 
_pdbx_initial_refinement_model.entity_id_list 
_pdbx_initial_refinement_model.type 
_pdbx_initial_refinement_model.source_name 
_pdbx_initial_refinement_model.accession_code 
_pdbx_initial_refinement_model.details 
1 ? 'experimental model' PDB 2I04 'PDB entries 2I04,2PNT,2OPG' 
2 ? 'experimental model' PDB 2PNT 'PDB entries 2I04,2PNT,2OPG' 
3 ? 'experimental model' PDB 2OPG 'PDB entries 2I04,2PNT,2OPG' 
# 
